data_6DIH
#
_entry.id   6DIH
#
_cell.length_a   49.905
_cell.length_b   105.589
_cell.length_c   194.199
_cell.angle_alpha   90.00
_cell.angle_beta   90.00
_cell.angle_gamma   90.00
#
_symmetry.space_group_name_H-M   'P 21 21 21'
#
loop_
_entity.id
_entity.type
_entity.pdbx_description
1 polymer 'Tyrosyl-DNA phosphodiesterase 1'
2 non-polymer '4-hydroxybenzene-1,2-dicarboxylic acid'
3 non-polymer 1,2-ETHANEDIOL
4 water water
#
_entity_poly.entity_id   1
_entity_poly.type   'polypeptide(L)'
_entity_poly.pdbx_seq_one_letter_code
;SGEGQDIWDMLDKGNPFQFYLTRVSGVKPKYNSGALHIKDILSPLFGTLVSSAQFNYCFDVDWLVKQYPPEFRKKPILLV
HGDKREAKAHLHAQAKPYENISLCQAKLDIAFGTHHTKMMLLLYEEGLRVVIHTSNLIHADWHQKTQGIWLSPLYPRIAD
GTHKSGESPTHFKADLISYLMAYNAPSLKEWIDVIHKHDLSETNVYLIGSTPGRFQGSQKDNWGHFRLKKLLKDHASSMP
NAESWPVVGQFSSVGSLGADESKWLCSEFKESMLTLGKESKTPGKSSVPLYLIYPSVENVRTSLEGYPAGGSLPYSIQTA
EKQNWLHSYFHKWSAETSGRSNAMPHIKTYMRPSPDFSKIAWFLVTSANLSKAAWGALEKNGTQLMIRSYELGVLFLPSA
FGLDSFKVKQKFFAGSQEPMATFPVPYDLPPELYGSKDRPWIWNIPYVKAPDTHGNMWVPS
;
_entity_poly.pdbx_strand_id   A,B
#
loop_
_chem_comp.id
_chem_comp.type
_chem_comp.name
_chem_comp.formula
EDO non-polymer 1,2-ETHANEDIOL 'C2 H6 O2'
GJS non-polymer '4-hydroxybenzene-1,2-dicarboxylic acid' 'C8 H6 O5'
#
# COMPACT_ATOMS: atom_id res chain seq x y z
N ASN A 15 19.84 -12.22 6.76
CA ASN A 15 18.47 -12.08 7.23
C ASN A 15 17.77 -10.89 6.58
N PRO A 16 16.48 -11.05 6.27
CA PRO A 16 15.72 -9.90 5.76
C PRO A 16 15.14 -9.02 6.86
N PHE A 17 15.25 -9.41 8.15
CA PHE A 17 14.48 -8.70 9.16
C PHE A 17 15.21 -7.52 9.77
N GLN A 18 16.53 -7.58 9.91
CA GLN A 18 17.31 -6.45 10.43
C GLN A 18 16.82 -6.05 11.82
N PHE A 19 16.51 -7.06 12.63
CA PHE A 19 16.12 -6.90 14.02
C PHE A 19 17.28 -7.35 14.87
N TYR A 20 17.77 -6.45 15.73
CA TYR A 20 18.96 -6.67 16.54
C TYR A 20 18.65 -6.44 18.02
N LEU A 21 19.43 -7.08 18.87
CA LEU A 21 19.49 -6.71 20.28
C LEU A 21 20.73 -5.85 20.54
N THR A 22 20.66 -5.03 21.59
CA THR A 22 21.83 -4.29 22.05
C THR A 22 22.83 -5.24 22.71
N ARG A 23 24.11 -4.83 22.69
CA ARG A 23 25.17 -5.57 23.38
C ARG A 23 24.94 -5.57 24.89
N VAL A 24 25.24 -6.70 25.54
CA VAL A 24 25.10 -6.83 27.00
C VAL A 24 26.46 -7.13 27.60
N SER A 25 26.94 -6.26 28.48
N SER A 25 26.94 -6.26 28.47
CA SER A 25 28.22 -6.49 29.13
CA SER A 25 28.21 -6.49 29.15
C SER A 25 28.09 -7.62 30.15
C SER A 25 28.06 -7.64 30.14
N GLY A 26 28.86 -8.69 29.96
CA GLY A 26 28.88 -9.79 30.91
C GLY A 26 28.32 -11.11 30.41
N VAL A 27 27.79 -11.16 29.21
CA VAL A 27 27.44 -12.45 28.64
C VAL A 27 28.63 -12.91 27.80
N LYS A 28 28.63 -14.19 27.45
CA LYS A 28 29.72 -14.73 26.65
C LYS A 28 29.67 -14.13 25.24
N PRO A 29 30.83 -14.01 24.58
CA PRO A 29 30.85 -13.41 23.23
C PRO A 29 29.85 -13.98 22.24
N LYS A 30 29.52 -15.28 22.32
CA LYS A 30 28.55 -15.85 21.39
C LYS A 30 27.19 -15.16 21.48
N TYR A 31 26.88 -14.53 22.61
CA TYR A 31 25.61 -13.84 22.79
C TYR A 31 25.69 -12.36 22.45
N ASN A 32 26.85 -11.85 22.05
CA ASN A 32 26.94 -10.49 21.54
C ASN A 32 27.33 -10.44 20.08
N SER A 33 27.65 -11.57 19.45
CA SER A 33 27.96 -11.59 18.04
C SER A 33 26.67 -11.38 17.26
N GLY A 34 26.61 -10.28 16.52
CA GLY A 34 25.36 -9.91 15.89
C GLY A 34 24.48 -9.01 16.72
N ALA A 35 24.91 -8.66 17.94
CA ALA A 35 24.28 -7.58 18.69
C ALA A 35 24.95 -6.27 18.31
N LEU A 36 24.29 -5.17 18.65
CA LEU A 36 24.78 -3.85 18.25
C LEU A 36 24.84 -2.93 19.46
N HIS A 37 25.96 -2.23 19.59
CA HIS A 37 26.08 -1.13 20.53
C HIS A 37 25.84 0.17 19.77
N ILE A 38 25.52 1.23 20.52
CA ILE A 38 25.24 2.50 19.85
C ILE A 38 26.47 2.98 19.08
N LYS A 39 27.68 2.68 19.57
CA LYS A 39 28.87 3.06 18.81
C LYS A 39 28.93 2.34 17.48
N ASP A 40 28.45 1.09 17.39
CA ASP A 40 28.37 0.40 16.10
C ASP A 40 27.39 1.11 15.17
N ILE A 41 26.23 1.50 15.68
CA ILE A 41 25.21 2.12 14.84
C ILE A 41 25.72 3.43 14.26
N LEU A 42 26.48 4.19 15.05
CA LEU A 42 26.93 5.51 14.61
C LEU A 42 28.27 5.48 13.88
N SER A 43 28.85 4.30 13.70
CA SER A 43 30.22 4.23 13.19
C SER A 43 30.27 4.60 11.70
N PRO A 44 31.43 5.05 11.21
N PRO A 44 31.42 5.06 11.21
CA PRO A 44 31.51 5.41 9.78
CA PRO A 44 31.51 5.41 9.78
C PRO A 44 31.22 4.25 8.86
C PRO A 44 31.23 4.24 8.86
N LEU A 45 31.36 3.00 9.34
CA LEU A 45 31.01 1.85 8.53
C LEU A 45 29.55 1.86 8.08
N PHE A 46 28.68 2.53 8.84
CA PHE A 46 27.26 2.61 8.50
C PHE A 46 26.91 3.75 7.57
N GLY A 47 27.83 4.69 7.35
CA GLY A 47 27.58 5.85 6.52
C GLY A 47 28.38 7.04 7.00
N THR A 48 28.62 7.99 6.09
CA THR A 48 29.38 9.19 6.42
C THR A 48 28.40 10.26 6.90
N LEU A 49 28.39 10.49 8.20
CA LEU A 49 27.34 11.28 8.82
C LEU A 49 27.41 12.75 8.42
N VAL A 50 26.25 13.30 8.06
CA VAL A 50 26.10 14.72 7.78
C VAL A 50 25.30 15.41 8.89
N SER A 51 24.29 14.74 9.42
N SER A 51 24.29 14.72 9.44
CA SER A 51 23.48 15.25 10.51
CA SER A 51 23.33 15.30 10.37
C SER A 51 22.67 14.09 11.04
C SER A 51 22.50 14.16 10.95
N SER A 52 22.05 14.31 12.19
CA SER A 52 21.25 13.27 12.83
C SER A 52 20.16 13.92 13.69
N ALA A 53 19.06 13.19 13.85
CA ALA A 53 18.02 13.53 14.82
C ALA A 53 17.90 12.36 15.79
N GLN A 54 17.85 12.65 17.08
CA GLN A 54 17.71 11.65 18.15
C GLN A 54 16.39 11.90 18.86
N PHE A 55 15.38 11.07 18.56
CA PHE A 55 14.11 11.09 19.28
C PHE A 55 14.26 10.20 20.50
N ASN A 56 13.89 10.69 21.67
CA ASN A 56 13.98 9.84 22.84
C ASN A 56 13.21 10.44 24.01
N TYR A 57 13.32 9.76 25.15
CA TYR A 57 12.68 10.20 26.39
C TYR A 57 13.69 10.87 27.31
N CYS A 58 14.76 10.16 27.68
N CYS A 58 14.78 10.14 27.62
CA CYS A 58 15.76 10.80 28.52
CA CYS A 58 15.83 10.57 28.54
C CYS A 58 17.13 10.67 27.88
C CYS A 58 17.17 10.65 27.81
N PHE A 59 17.93 11.71 28.07
CA PHE A 59 19.21 11.91 27.40
C PHE A 59 20.29 12.18 28.45
N ASP A 60 21.48 11.63 28.22
CA ASP A 60 22.72 12.10 28.85
C ASP A 60 23.58 12.66 27.72
N VAL A 61 23.59 13.99 27.57
CA VAL A 61 24.15 14.58 26.36
C VAL A 61 25.65 14.38 26.29
N ASP A 62 26.35 14.50 27.42
CA ASP A 62 27.79 14.25 27.42
C ASP A 62 28.11 12.84 26.95
N TRP A 63 27.37 11.84 27.48
CA TRP A 63 27.55 10.45 27.05
C TRP A 63 27.19 10.30 25.58
N LEU A 64 26.05 10.87 25.17
CA LEU A 64 25.60 10.71 23.79
C LEU A 64 26.64 11.20 22.80
N VAL A 65 27.21 12.39 23.02
CA VAL A 65 28.17 12.92 22.04
C VAL A 65 29.39 12.01 21.95
N LYS A 66 29.81 11.43 23.08
CA LYS A 66 30.94 10.49 23.03
C LYS A 66 30.64 9.20 22.27
N GLN A 67 29.37 8.89 21.96
CA GLN A 67 29.09 7.68 21.19
C GLN A 67 29.23 7.91 19.69
N TYR A 68 29.24 9.15 19.25
CA TYR A 68 29.51 9.45 17.86
C TYR A 68 31.00 9.33 17.60
N PRO A 69 31.41 8.89 16.41
CA PRO A 69 32.84 8.85 16.10
C PRO A 69 33.43 10.23 16.25
N PRO A 70 34.69 10.32 16.70
CA PRO A 70 35.30 11.65 16.91
C PRO A 70 35.15 12.57 15.71
N GLU A 71 35.37 12.06 14.50
CA GLU A 71 35.27 12.87 13.29
C GLU A 71 33.85 13.36 13.01
N PHE A 72 32.83 12.82 13.68
CA PHE A 72 31.45 13.24 13.44
C PHE A 72 30.84 14.02 14.60
N ARG A 73 31.59 14.29 15.68
CA ARG A 73 30.97 14.83 16.89
C ARG A 73 30.56 16.29 16.79
N LYS A 74 30.93 17.00 15.73
CA LYS A 74 30.47 18.38 15.58
C LYS A 74 29.41 18.52 14.49
N LYS A 75 28.98 17.42 13.88
CA LYS A 75 27.87 17.48 12.95
C LYS A 75 26.58 17.83 13.69
N PRO A 76 25.62 18.47 13.03
CA PRO A 76 24.38 18.88 13.71
C PRO A 76 23.64 17.69 14.29
N ILE A 77 23.16 17.86 15.52
CA ILE A 77 22.31 16.88 16.20
C ILE A 77 21.06 17.60 16.69
N LEU A 78 19.90 17.03 16.38
CA LEU A 78 18.63 17.49 16.91
C LEU A 78 18.15 16.51 17.97
N LEU A 79 17.87 17.00 19.17
CA LEU A 79 17.27 16.19 20.23
C LEU A 79 15.77 16.46 20.29
N VAL A 80 14.97 15.43 20.05
CA VAL A 80 13.51 15.55 20.10
C VAL A 80 13.03 14.91 21.40
N HIS A 81 12.39 15.71 22.26
CA HIS A 81 12.10 15.35 23.64
C HIS A 81 10.73 15.91 24.02
N GLY A 82 10.24 15.52 25.20
CA GLY A 82 8.95 16.01 25.65
C GLY A 82 9.00 16.76 26.97
N ASP A 83 10.20 17.11 27.40
CA ASP A 83 10.40 17.69 28.74
C ASP A 83 9.83 19.11 28.82
N LYS A 84 9.35 19.46 30.01
CA LYS A 84 8.77 20.77 30.28
C LYS A 84 9.42 21.37 31.51
N ARG A 85 9.27 22.68 31.66
CA ARG A 85 9.58 23.41 32.91
C ARG A 85 11.02 23.12 33.32
N GLU A 86 11.28 22.65 34.55
CA GLU A 86 12.65 22.51 35.03
C GLU A 86 13.37 21.36 34.35
N ALA A 87 12.67 20.28 34.05
CA ALA A 87 13.26 19.21 33.26
C ALA A 87 13.74 19.74 31.90
N LYS A 88 12.94 20.61 31.29
CA LYS A 88 13.34 21.21 30.02
C LYS A 88 14.58 22.09 30.18
N ALA A 89 14.60 22.92 31.22
CA ALA A 89 15.78 23.72 31.49
C ALA A 89 17.01 22.84 31.70
N HIS A 90 16.86 21.74 32.44
CA HIS A 90 18.00 20.87 32.69
C HIS A 90 18.55 20.29 31.38
N LEU A 91 17.66 19.91 30.46
CA LEU A 91 18.14 19.37 29.19
C LEU A 91 18.83 20.46 28.37
N HIS A 92 18.25 21.66 28.32
CA HIS A 92 18.91 22.74 27.61
C HIS A 92 20.29 23.02 28.19
N ALA A 93 20.41 23.00 29.53
CA ALA A 93 21.72 23.22 30.13
C ALA A 93 22.69 22.10 29.81
N GLN A 94 22.19 20.86 29.67
CA GLN A 94 23.06 19.77 29.25
C GLN A 94 23.65 20.01 27.86
N ALA A 95 22.84 20.57 26.96
CA ALA A 95 23.23 20.67 25.57
C ALA A 95 23.98 21.97 25.26
N LYS A 96 23.79 23.02 26.07
CA LYS A 96 24.42 24.31 25.82
C LYS A 96 25.92 24.26 25.52
N PRO A 97 26.74 23.43 26.18
CA PRO A 97 28.17 23.39 25.81
C PRO A 97 28.45 22.93 24.39
N TYR A 98 27.48 22.34 23.68
CA TYR A 98 27.70 21.80 22.34
C TYR A 98 26.92 22.67 21.35
N GLU A 99 27.66 23.52 20.61
CA GLU A 99 27.01 24.46 19.71
C GLU A 99 26.23 23.78 18.58
N ASN A 100 26.58 22.54 18.24
CA ASN A 100 25.95 21.84 17.12
C ASN A 100 24.64 21.15 17.50
N ILE A 101 24.21 21.22 18.75
CA ILE A 101 23.02 20.52 19.21
C ILE A 101 21.86 21.48 19.28
N SER A 102 20.77 21.13 18.61
CA SER A 102 19.51 21.84 18.68
C SER A 102 18.47 20.93 19.35
N LEU A 103 17.42 21.55 19.85
CA LEU A 103 16.38 20.83 20.58
C LEU A 103 15.01 21.13 20.01
N CYS A 104 14.13 20.14 20.07
CA CYS A 104 12.75 20.24 19.63
C CYS A 104 11.88 19.67 20.74
N GLN A 105 11.04 20.50 21.33
CA GLN A 105 10.17 20.07 22.41
C GLN A 105 8.85 19.61 21.80
N ALA A 106 8.61 18.29 21.84
CA ALA A 106 7.36 17.75 21.35
C ALA A 106 6.20 18.22 22.21
N LYS A 107 5.15 18.77 21.59
CA LYS A 107 4.00 19.23 22.36
C LYS A 107 3.27 18.05 22.99
N LEU A 108 2.91 18.21 24.26
CA LEU A 108 2.18 17.20 25.02
C LEU A 108 0.99 17.91 25.64
N ASP A 109 -0.04 18.15 24.81
CA ASP A 109 -1.19 18.96 25.20
C ASP A 109 -2.26 18.18 25.94
N ILE A 110 -2.12 16.87 26.07
CA ILE A 110 -3.01 16.06 26.89
C ILE A 110 -2.25 15.66 28.15
N ALA A 111 -2.92 15.76 29.30
CA ALA A 111 -2.25 15.53 30.58
C ALA A 111 -1.71 14.10 30.68
N PHE A 112 -0.61 13.96 31.43
CA PHE A 112 0.01 12.68 31.74
C PHE A 112 0.56 11.98 30.50
N GLY A 113 0.86 12.74 29.45
CA GLY A 113 1.48 12.14 28.28
C GLY A 113 2.99 12.28 28.31
N THR A 114 3.67 11.44 27.53
CA THR A 114 5.12 11.53 27.49
C THR A 114 5.60 11.30 26.06
N HIS A 115 6.80 11.76 25.80
CA HIS A 115 7.42 11.51 24.50
C HIS A 115 8.31 10.27 24.62
N HIS A 116 7.75 9.11 24.30
CA HIS A 116 8.42 7.82 24.49
C HIS A 116 9.16 7.33 23.26
N THR A 117 8.79 7.79 22.07
CA THR A 117 9.42 7.33 20.82
C THR A 117 10.95 7.36 20.90
N LYS A 118 11.57 6.27 20.46
CA LYS A 118 13.03 6.15 20.37
C LYS A 118 13.41 5.86 18.93
N MET A 119 14.03 6.84 18.27
CA MET A 119 14.28 6.77 16.85
C MET A 119 15.50 7.61 16.53
N MET A 120 16.33 7.12 15.62
CA MET A 120 17.42 7.92 15.04
C MET A 120 17.13 8.14 13.57
N LEU A 121 17.22 9.38 13.12
CA LEU A 121 17.30 9.69 11.69
C LEU A 121 18.75 10.06 11.39
N LEU A 122 19.38 9.33 10.50
CA LEU A 122 20.80 9.47 10.22
C LEU A 122 20.99 9.83 8.74
N LEU A 123 21.38 11.08 8.48
CA LEU A 123 21.58 11.57 7.12
C LEU A 123 23.06 11.45 6.77
N TYR A 124 23.35 10.72 5.70
CA TYR A 124 24.73 10.50 5.28
C TYR A 124 25.00 11.20 3.96
N GLU A 125 26.29 11.26 3.61
N GLU A 125 26.27 11.26 3.59
CA GLU A 125 26.65 11.66 2.26
CA GLU A 125 26.59 11.67 2.23
C GLU A 125 26.17 10.64 1.22
C GLU A 125 26.09 10.64 1.22
N GLU A 126 25.98 9.38 1.63
CA GLU A 126 25.59 8.30 0.75
C GLU A 126 24.09 7.98 0.77
N GLY A 127 23.31 8.60 1.65
CA GLY A 127 21.91 8.22 1.74
C GLY A 127 21.33 8.58 3.10
N LEU A 128 20.28 7.85 3.49
CA LEU A 128 19.58 8.11 4.73
C LEU A 128 19.31 6.77 5.42
N ARG A 129 19.41 6.76 6.74
CA ARG A 129 19.04 5.57 7.51
C ARG A 129 18.07 5.95 8.62
N VAL A 130 17.12 5.05 8.90
CA VAL A 130 16.18 5.21 10.01
C VAL A 130 16.42 4.05 10.98
N VAL A 131 16.50 4.36 12.27
CA VAL A 131 16.71 3.37 13.32
C VAL A 131 15.58 3.55 14.31
N ILE A 132 14.79 2.50 14.53
CA ILE A 132 13.72 2.55 15.52
C ILE A 132 14.06 1.52 16.58
N HIS A 133 14.14 1.95 17.83
CA HIS A 133 14.75 1.12 18.88
C HIS A 133 14.04 1.39 20.20
N THR A 134 14.56 0.82 21.30
CA THR A 134 13.86 0.89 22.57
C THR A 134 14.67 1.51 23.71
N SER A 135 15.88 1.99 23.45
CA SER A 135 16.80 2.40 24.51
C SER A 135 16.80 3.91 24.68
N ASN A 136 16.80 4.34 25.95
CA ASN A 136 17.12 5.74 26.26
C ASN A 136 18.58 6.03 25.95
N LEU A 137 18.90 7.31 25.80
CA LEU A 137 20.27 7.68 25.43
C LEU A 137 21.08 7.99 26.69
N ILE A 138 21.24 6.95 27.51
CA ILE A 138 22.00 6.98 28.75
C ILE A 138 22.79 5.68 28.82
N HIS A 139 23.92 5.71 29.55
CA HIS A 139 24.81 4.56 29.60
C HIS A 139 24.10 3.29 30.05
N ALA A 140 23.27 3.40 31.09
CA ALA A 140 22.67 2.19 31.67
C ALA A 140 21.74 1.47 30.71
N ASP A 141 21.10 2.20 29.78
CA ASP A 141 20.16 1.50 28.90
C ASP A 141 20.86 0.64 27.86
N TRP A 142 22.16 0.82 27.63
CA TRP A 142 22.90 0.05 26.64
C TRP A 142 23.91 -0.87 27.28
N HIS A 143 23.89 -0.97 28.61
CA HIS A 143 24.92 -1.71 29.35
C HIS A 143 24.51 -3.16 29.58
N GLN A 144 23.48 -3.39 30.40
CA GLN A 144 23.10 -4.76 30.73
C GLN A 144 21.59 -5.00 30.62
N LYS A 145 20.92 -4.34 29.66
CA LYS A 145 19.50 -4.54 29.44
C LYS A 145 19.26 -5.28 28.13
N THR A 146 18.10 -5.93 28.04
CA THR A 146 17.62 -6.47 26.77
C THR A 146 16.85 -5.34 26.08
N GLN A 147 17.38 -4.87 24.96
CA GLN A 147 16.79 -3.78 24.18
C GLN A 147 16.71 -4.23 22.73
N GLY A 148 15.78 -3.66 21.97
CA GLY A 148 15.58 -4.03 20.57
C GLY A 148 15.89 -2.90 19.61
N ILE A 149 16.35 -3.26 18.40
CA ILE A 149 16.73 -2.31 17.34
C ILE A 149 16.21 -2.82 16.02
N TRP A 150 15.54 -1.96 15.24
CA TRP A 150 15.33 -2.19 13.82
C TRP A 150 16.18 -1.21 13.02
N LEU A 151 16.98 -1.73 12.09
CA LEU A 151 17.83 -0.92 11.22
C LEU A 151 17.25 -0.90 9.82
N SER A 152 16.92 0.28 9.32
CA SER A 152 16.45 0.37 7.95
C SER A 152 17.61 0.09 6.99
N PRO A 153 17.30 -0.23 5.73
CA PRO A 153 18.33 -0.21 4.69
C PRO A 153 18.91 1.20 4.56
N LEU A 154 20.06 1.28 3.88
CA LEU A 154 20.56 2.58 3.45
C LEU A 154 19.70 3.05 2.29
N TYR A 155 18.97 4.14 2.50
CA TYR A 155 18.05 4.63 1.48
C TYR A 155 18.78 5.62 0.56
N PRO A 156 18.85 5.37 -0.74
CA PRO A 156 19.57 6.29 -1.63
C PRO A 156 18.76 7.55 -1.89
N ARG A 157 19.48 8.61 -2.26
CA ARG A 157 18.82 9.86 -2.61
C ARG A 157 18.18 9.76 -3.98
N ILE A 158 17.03 10.40 -4.15
CA ILE A 158 16.41 10.47 -5.47
C ILE A 158 17.09 11.61 -6.24
N ALA A 159 17.50 11.31 -7.47
CA ALA A 159 18.20 12.29 -8.29
C ALA A 159 17.33 13.53 -8.49
N ASP A 160 17.97 14.70 -8.44
CA ASP A 160 17.26 15.95 -8.71
C ASP A 160 16.75 15.97 -10.14
N GLY A 161 15.47 16.28 -10.31
CA GLY A 161 14.79 16.22 -11.58
C GLY A 161 14.01 14.94 -11.80
N THR A 162 14.41 13.84 -11.17
CA THR A 162 13.64 12.60 -11.23
C THR A 162 12.40 12.72 -10.36
N HIS A 163 11.26 12.28 -10.91
CA HIS A 163 10.00 12.28 -10.17
C HIS A 163 9.59 10.83 -9.93
N LYS A 164 9.73 10.38 -8.69
CA LYS A 164 9.27 9.05 -8.30
C LYS A 164 8.85 9.12 -6.85
N SER A 165 8.02 8.14 -6.44
CA SER A 165 7.47 8.22 -5.10
C SER A 165 8.52 7.87 -4.06
N GLY A 166 9.40 6.92 -4.37
CA GLY A 166 10.27 6.36 -3.34
C GLY A 166 9.52 5.57 -2.28
N GLU A 167 8.29 5.17 -2.56
CA GLU A 167 7.44 4.53 -1.57
C GLU A 167 7.60 3.01 -1.61
N SER A 168 7.41 2.38 -0.43
N SER A 168 7.41 2.38 -0.43
CA SER A 168 7.47 0.93 -0.29
CA SER A 168 7.47 0.94 -0.27
C SER A 168 6.07 0.33 -0.36
C SER A 168 6.08 0.32 -0.33
N PRO A 169 5.97 -1.00 -0.56
CA PRO A 169 4.65 -1.63 -0.50
C PRO A 169 3.98 -1.51 0.85
N THR A 170 4.75 -1.31 1.91
CA THR A 170 4.18 -1.11 3.25
C THR A 170 3.81 0.35 3.54
N HIS A 171 4.01 1.28 2.58
CA HIS A 171 3.64 2.68 2.73
C HIS A 171 4.51 3.37 3.79
N PHE A 172 5.71 2.84 4.06
CA PHE A 172 6.53 3.33 5.17
C PHE A 172 6.91 4.80 5.00
N LYS A 173 7.20 5.24 3.77
CA LYS A 173 7.67 6.62 3.60
C LYS A 173 6.59 7.62 3.98
N ALA A 174 5.40 7.47 3.39
CA ALA A 174 4.27 8.32 3.73
C ALA A 174 3.91 8.22 5.21
N ASP A 175 4.00 7.03 5.80
CA ASP A 175 3.59 6.87 7.18
C ASP A 175 4.59 7.53 8.13
N LEU A 176 5.88 7.43 7.85
CA LEU A 176 6.88 8.14 8.66
C LEU A 176 6.71 9.65 8.53
N ILE A 177 6.44 10.13 7.31
CA ILE A 177 6.25 11.56 7.16
C ILE A 177 5.03 12.01 7.95
N SER A 178 3.95 11.21 7.91
N SER A 178 3.95 11.21 7.91
CA SER A 178 2.73 11.53 8.65
CA SER A 178 2.75 11.55 8.66
C SER A 178 2.99 11.56 10.15
C SER A 178 3.02 11.58 10.15
N TYR A 179 3.77 10.60 10.66
CA TYR A 179 4.15 10.63 12.07
C TYR A 179 4.88 11.93 12.41
N LEU A 180 5.83 12.33 11.57
CA LEU A 180 6.58 13.54 11.89
C LEU A 180 5.73 14.79 11.75
N MET A 181 4.79 14.80 10.79
CA MET A 181 3.93 15.97 10.61
C MET A 181 3.10 16.26 11.84
N ALA A 182 2.77 15.22 12.61
CA ALA A 182 1.91 15.42 13.76
C ALA A 182 2.55 16.27 14.84
N TYR A 183 3.89 16.39 14.86
CA TYR A 183 4.57 17.25 15.82
C TYR A 183 4.35 18.72 15.54
N ASN A 184 4.10 19.08 14.28
N ASN A 184 4.08 19.06 14.28
CA ASN A 184 3.92 20.49 13.91
CA ASN A 184 3.95 20.45 13.83
C ASN A 184 5.15 21.33 14.27
C ASN A 184 5.14 21.30 14.28
N ALA A 185 6.34 20.78 14.01
CA ALA A 185 7.60 21.37 14.47
C ALA A 185 8.49 21.78 13.32
N PRO A 186 9.02 23.02 13.31
CA PRO A 186 9.85 23.46 12.17
C PRO A 186 11.11 22.61 11.97
N SER A 187 11.76 22.18 13.05
CA SER A 187 12.95 21.37 12.88
C SER A 187 12.61 20.01 12.28
N LEU A 188 11.41 19.51 12.50
CA LEU A 188 11.04 18.23 11.91
C LEU A 188 10.52 18.38 10.48
N LYS A 189 10.00 19.55 10.12
CA LYS A 189 9.69 19.77 8.70
C LYS A 189 10.95 19.66 7.85
N GLU A 190 12.10 20.10 8.39
CA GLU A 190 13.37 19.94 7.69
C GLU A 190 13.66 18.46 7.44
N TRP A 191 13.41 17.61 8.45
CA TRP A 191 13.62 16.18 8.28
C TRP A 191 12.58 15.57 7.34
N ILE A 192 11.36 16.09 7.33
CA ILE A 192 10.37 15.62 6.36
C ILE A 192 10.86 15.89 4.95
N ASP A 193 11.43 17.06 4.72
CA ASP A 193 11.94 17.36 3.38
C ASP A 193 13.11 16.46 3.01
N VAL A 194 13.96 16.08 3.98
CA VAL A 194 15.01 15.12 3.71
C VAL A 194 14.41 13.78 3.28
N ILE A 195 13.44 13.30 4.04
CA ILE A 195 12.83 12.00 3.72
C ILE A 195 12.21 12.02 2.32
N HIS A 196 11.51 13.11 1.99
CA HIS A 196 10.91 13.25 0.66
C HIS A 196 11.93 13.00 -0.46
N LYS A 197 13.17 13.42 -0.23
CA LYS A 197 14.23 13.32 -1.24
C LYS A 197 14.87 11.95 -1.32
N HIS A 198 14.45 10.97 -0.51
CA HIS A 198 15.13 9.69 -0.52
C HIS A 198 14.16 8.59 -0.94
N ASP A 199 14.72 7.49 -1.41
CA ASP A 199 13.97 6.35 -1.93
C ASP A 199 13.89 5.31 -0.80
N LEU A 200 12.71 5.17 -0.20
CA LEU A 200 12.50 4.22 0.88
C LEU A 200 11.78 2.95 0.41
N SER A 201 11.83 2.64 -0.90
CA SER A 201 10.98 1.58 -1.44
C SER A 201 11.37 0.19 -0.95
N GLU A 202 12.60 -0.01 -0.49
CA GLU A 202 13.02 -1.33 -0.03
C GLU A 202 12.47 -1.71 1.34
N THR A 203 11.75 -0.81 2.01
CA THR A 203 11.30 -1.09 3.38
C THR A 203 10.23 -2.16 3.41
N ASN A 204 10.44 -3.16 4.27
N ASN A 204 10.42 -3.18 4.25
CA ASN A 204 9.54 -4.31 4.36
CA ASN A 204 9.42 -4.25 4.33
C ASN A 204 8.74 -4.36 5.68
C ASN A 204 8.89 -4.42 5.75
N VAL A 205 8.85 -3.34 6.52
CA VAL A 205 8.09 -3.27 7.77
C VAL A 205 7.03 -2.19 7.67
N TYR A 206 5.98 -2.34 8.47
CA TYR A 206 4.95 -1.32 8.64
C TYR A 206 5.22 -0.47 9.88
N LEU A 207 5.03 0.84 9.75
CA LEU A 207 5.17 1.73 10.90
C LEU A 207 3.89 1.74 11.73
N ILE A 208 4.03 1.64 13.05
CA ILE A 208 2.90 1.75 13.96
C ILE A 208 3.26 2.84 14.96
N GLY A 209 2.62 3.99 14.85
CA GLY A 209 2.93 5.09 15.75
C GLY A 209 1.76 5.47 16.64
N SER A 210 2.07 6.16 17.73
CA SER A 210 1.09 6.84 18.57
C SER A 210 1.50 8.30 18.63
N THR A 211 0.50 9.18 18.60
N THR A 211 0.52 9.19 18.50
CA THR A 211 0.74 10.60 18.78
CA THR A 211 0.72 10.61 18.77
C THR A 211 -0.43 11.15 19.58
C THR A 211 -0.41 11.10 19.64
N PRO A 212 -0.20 12.17 20.42
CA PRO A 212 -1.27 12.64 21.31
C PRO A 212 -2.43 13.22 20.52
N GLY A 213 -3.64 12.89 20.95
CA GLY A 213 -4.79 13.52 20.33
C GLY A 213 -6.06 12.75 20.61
N ARG A 214 -7.14 13.27 20.02
N ARG A 214 -7.13 13.26 20.00
CA ARG A 214 -8.45 12.64 20.04
CA ARG A 214 -8.45 12.63 20.04
C ARG A 214 -8.86 12.45 18.59
C ARG A 214 -8.91 12.44 18.61
N PHE A 215 -8.91 11.20 18.15
CA PHE A 215 -9.07 10.87 16.74
C PHE A 215 -10.43 10.22 16.49
N GLN A 216 -11.15 10.72 15.50
CA GLN A 216 -12.45 10.17 15.14
C GLN A 216 -12.51 9.96 13.63
N GLY A 217 -13.54 9.24 13.21
CA GLY A 217 -13.70 9.00 11.79
C GLY A 217 -12.53 8.20 11.24
N SER A 218 -12.06 8.61 10.06
CA SER A 218 -10.99 7.88 9.40
C SER A 218 -9.68 7.98 10.18
N GLN A 219 -9.45 9.12 10.86
CA GLN A 219 -8.22 9.31 11.60
C GLN A 219 -8.06 8.30 12.72
N LYS A 220 -9.13 7.61 13.13
CA LYS A 220 -9.02 6.61 14.18
C LYS A 220 -8.01 5.54 13.82
N ASP A 221 -7.98 5.11 12.56
CA ASP A 221 -7.10 4.02 12.15
C ASP A 221 -5.63 4.43 12.02
N ASN A 222 -5.31 5.72 12.24
CA ASN A 222 -3.94 6.19 11.98
C ASN A 222 -2.97 5.80 13.07
N TRP A 223 -3.43 5.59 14.31
CA TRP A 223 -2.53 5.51 15.45
C TRP A 223 -2.94 4.41 16.43
N GLY A 224 -1.99 4.04 17.28
CA GLY A 224 -2.22 3.18 18.43
C GLY A 224 -2.80 1.83 18.06
N HIS A 225 -3.66 1.31 18.94
CA HIS A 225 -4.09 -0.07 18.70
C HIS A 225 -5.07 -0.18 17.54
N PHE A 226 -5.74 0.92 17.16
CA PHE A 226 -6.55 0.92 15.93
C PHE A 226 -5.68 0.83 14.68
N ARG A 227 -4.49 1.45 14.68
CA ARG A 227 -3.56 1.29 13.58
C ARG A 227 -3.16 -0.17 13.43
N LEU A 228 -2.84 -0.82 14.55
CA LEU A 228 -2.49 -2.23 14.50
C LEU A 228 -3.65 -3.06 13.94
N LYS A 229 -4.86 -2.83 14.45
CA LYS A 229 -6.04 -3.55 13.98
C LYS A 229 -6.21 -3.39 12.46
N LYS A 230 -6.07 -2.16 11.97
CA LYS A 230 -6.24 -1.88 10.54
C LYS A 230 -5.24 -2.69 9.71
N LEU A 231 -3.98 -2.71 10.15
CA LEU A 231 -2.93 -3.41 9.42
C LEU A 231 -3.17 -4.92 9.43
N LEU A 232 -3.61 -5.45 10.57
CA LEU A 232 -3.87 -6.89 10.67
C LEU A 232 -5.09 -7.29 9.86
N LYS A 233 -6.09 -6.41 9.79
CA LYS A 233 -7.24 -6.68 8.94
C LYS A 233 -6.83 -6.69 7.46
N ASP A 234 -5.99 -5.75 7.05
CA ASP A 234 -5.70 -5.55 5.63
C ASP A 234 -4.61 -6.46 5.09
N HIS A 235 -3.69 -6.93 5.95
CA HIS A 235 -2.45 -7.51 5.46
C HIS A 235 -2.08 -8.82 6.16
N ALA A 236 -2.94 -9.35 7.01
CA ALA A 236 -2.79 -10.69 7.56
C ALA A 236 -4.03 -11.49 7.21
N SER A 237 -3.88 -12.81 7.24
CA SER A 237 -4.97 -13.74 6.92
C SER A 237 -5.35 -14.53 8.15
N SER A 238 -6.64 -14.76 8.34
CA SER A 238 -7.09 -15.63 9.41
C SER A 238 -6.88 -17.09 8.99
N MET A 239 -6.53 -17.93 9.96
CA MET A 239 -6.31 -19.34 9.73
C MET A 239 -7.33 -20.16 10.50
N PRO A 240 -7.55 -21.42 10.13
CA PRO A 240 -8.41 -22.28 10.95
C PRO A 240 -7.87 -22.36 12.37
N ASN A 241 -8.79 -22.41 13.33
CA ASN A 241 -8.42 -22.51 14.74
C ASN A 241 -7.61 -21.29 15.19
N ALA A 242 -7.88 -20.13 14.57
CA ALA A 242 -7.21 -18.91 14.98
C ALA A 242 -7.46 -18.59 16.45
N GLU A 243 -8.59 -19.03 16.98
CA GLU A 243 -8.90 -18.82 18.40
C GLU A 243 -7.89 -19.50 19.31
N SER A 244 -7.10 -20.43 18.79
CA SER A 244 -6.10 -21.12 19.58
C SER A 244 -4.73 -20.49 19.50
N TRP A 245 -4.53 -19.50 18.62
CA TRP A 245 -3.24 -18.82 18.52
C TRP A 245 -3.19 -17.73 19.59
N PRO A 246 -2.29 -17.86 20.57
CA PRO A 246 -2.24 -16.88 21.66
C PRO A 246 -1.82 -15.51 21.17
N VAL A 247 -2.00 -14.53 22.06
CA VAL A 247 -1.40 -13.20 21.95
C VAL A 247 -0.36 -13.09 23.05
N VAL A 248 0.83 -12.57 22.71
CA VAL A 248 1.88 -12.36 23.71
C VAL A 248 2.21 -10.88 23.75
N GLY A 249 2.25 -10.32 24.97
CA GLY A 249 2.68 -8.95 25.17
C GLY A 249 3.79 -8.92 26.19
N GLN A 250 4.78 -8.08 25.95
CA GLN A 250 6.03 -8.09 26.70
C GLN A 250 6.51 -6.66 26.86
N PHE A 251 6.70 -6.20 28.10
CA PHE A 251 6.82 -4.76 28.31
C PHE A 251 7.60 -4.48 29.59
N SER A 252 7.97 -3.21 29.77
CA SER A 252 8.74 -2.80 30.95
C SER A 252 7.95 -1.92 31.92
N SER A 253 6.70 -1.60 31.62
CA SER A 253 5.92 -0.71 32.46
C SER A 253 4.44 -1.01 32.25
N VAL A 254 3.64 -0.76 33.28
CA VAL A 254 2.20 -1.03 33.24
C VAL A 254 1.47 0.22 33.73
N GLY A 255 0.42 0.62 32.99
CA GLY A 255 -0.41 1.73 33.39
C GLY A 255 -1.64 1.26 34.13
N SER A 256 -2.51 2.21 34.48
N SER A 256 -2.51 2.21 34.48
CA SER A 256 -3.78 1.88 35.12
CA SER A 256 -3.79 1.90 35.11
C SER A 256 -4.75 1.40 34.05
C SER A 256 -4.74 1.40 34.04
N LEU A 257 -5.14 0.13 34.13
CA LEU A 257 -5.98 -0.48 33.10
C LEU A 257 -7.45 -0.59 33.50
N GLY A 258 -7.81 -0.27 34.73
CA GLY A 258 -9.19 -0.36 35.16
C GLY A 258 -9.39 -1.44 36.20
N ALA A 259 -10.63 -1.49 36.70
CA ALA A 259 -10.96 -2.33 37.85
C ALA A 259 -11.10 -3.80 37.49
N ASP A 260 -11.21 -4.14 36.20
CA ASP A 260 -11.23 -5.53 35.78
C ASP A 260 -10.84 -5.61 34.31
N GLU A 261 -10.67 -6.83 33.83
CA GLU A 261 -10.14 -7.03 32.47
C GLU A 261 -11.10 -6.55 31.39
N SER A 262 -12.40 -6.45 31.67
CA SER A 262 -13.35 -6.00 30.66
C SER A 262 -13.27 -4.51 30.38
N LYS A 263 -12.64 -3.72 31.24
CA LYS A 263 -12.64 -2.28 31.07
C LYS A 263 -11.83 -1.86 29.85
N TRP A 264 -10.68 -2.49 29.60
CA TRP A 264 -9.83 -2.11 28.47
C TRP A 264 -8.99 -3.27 27.95
N LEU A 265 -8.37 -4.03 28.86
CA LEU A 265 -7.37 -5.02 28.44
C LEU A 265 -7.98 -6.05 27.50
N CYS A 266 -9.08 -6.68 27.91
CA CYS A 266 -9.65 -7.73 27.10
C CYS A 266 -10.78 -7.26 26.20
N SER A 267 -11.21 -6.01 26.32
CA SER A 267 -12.32 -5.54 25.51
C SER A 267 -11.86 -4.84 24.24
N GLU A 268 -10.97 -3.86 24.34
CA GLU A 268 -10.52 -3.21 23.12
C GLU A 268 -9.07 -3.49 22.76
N PHE A 269 -8.17 -3.61 23.75
CA PHE A 269 -6.77 -3.91 23.43
C PHE A 269 -6.61 -5.30 22.85
N LYS A 270 -7.00 -6.34 23.61
CA LYS A 270 -6.92 -7.70 23.08
C LYS A 270 -7.71 -7.85 21.79
N GLU A 271 -8.87 -7.18 21.69
CA GLU A 271 -9.69 -7.29 20.48
C GLU A 271 -8.94 -6.81 19.25
N SER A 272 -8.19 -5.70 19.38
CA SER A 272 -7.34 -5.27 18.27
C SER A 272 -6.23 -6.28 18.00
N MET A 273 -5.59 -6.79 19.05
CA MET A 273 -4.46 -7.71 18.89
C MET A 273 -4.86 -9.04 18.27
N LEU A 274 -6.12 -9.47 18.46
N LEU A 274 -6.11 -9.48 18.44
CA LEU A 274 -6.61 -10.73 17.92
CA LEU A 274 -6.50 -10.76 17.89
C LEU A 274 -6.92 -10.66 16.44
C LEU A 274 -7.09 -10.64 16.48
N THR A 275 -7.08 -9.45 15.90
CA THR A 275 -7.57 -9.28 14.53
C THR A 275 -6.68 -10.02 13.53
N LEU A 276 -7.31 -10.74 12.60
CA LEU A 276 -6.61 -11.30 11.45
C LEU A 276 -7.56 -11.32 10.27
N GLY A 277 -7.20 -10.61 9.21
CA GLY A 277 -8.01 -10.64 7.99
C GLY A 277 -9.29 -9.85 8.12
N LYS A 278 -10.06 -9.90 7.03
CA LYS A 278 -11.12 -8.92 6.78
C LYS A 278 -12.51 -9.38 7.22
N GLU A 279 -12.67 -10.61 7.67
CA GLU A 279 -14.00 -11.12 7.99
C GLU A 279 -14.38 -10.79 9.42
N SER A 280 -15.57 -11.27 9.82
CA SER A 280 -16.13 -11.03 11.15
C SER A 280 -15.16 -11.33 12.29
N SER A 286 -14.06 -13.92 23.68
CA SER A 286 -12.97 -14.64 23.02
C SER A 286 -12.13 -15.46 24.00
N SER A 287 -11.79 -16.68 23.61
CA SER A 287 -11.01 -17.58 24.43
C SER A 287 -9.54 -17.63 24.00
N VAL A 288 -9.08 -16.66 23.22
CA VAL A 288 -7.68 -16.61 22.82
C VAL A 288 -6.83 -16.38 24.06
N PRO A 289 -5.85 -17.24 24.34
CA PRO A 289 -4.99 -17.02 25.51
C PRO A 289 -4.18 -15.74 25.36
N LEU A 290 -4.04 -15.00 26.47
CA LEU A 290 -3.22 -13.79 26.49
C LEU A 290 -2.08 -14.00 27.50
N TYR A 291 -0.85 -13.98 27.02
CA TYR A 291 0.34 -14.08 27.86
C TYR A 291 0.97 -12.70 27.98
N LEU A 292 1.16 -12.23 29.21
CA LEU A 292 1.87 -10.98 29.46
C LEU A 292 3.18 -11.29 30.17
N ILE A 293 4.30 -10.79 29.63
CA ILE A 293 5.64 -11.07 30.16
C ILE A 293 6.16 -9.81 30.82
N TYR A 294 6.47 -9.89 32.11
CA TYR A 294 6.91 -8.72 32.88
C TYR A 294 7.75 -9.22 34.05
N PRO A 295 8.92 -8.61 34.31
CA PRO A 295 9.83 -9.20 35.31
C PRO A 295 9.22 -9.30 36.71
N SER A 296 9.40 -10.47 37.31
CA SER A 296 9.09 -10.68 38.72
C SER A 296 10.16 -10.02 39.59
N VAL A 297 9.87 -9.93 40.89
CA VAL A 297 10.87 -9.44 41.83
C VAL A 297 12.13 -10.29 41.78
N GLU A 298 11.96 -11.60 41.69
N GLU A 298 11.97 -11.61 41.68
CA GLU A 298 13.12 -12.50 41.65
CA GLU A 298 13.14 -12.48 41.66
C GLU A 298 13.92 -12.31 40.37
C GLU A 298 13.93 -12.33 40.37
N ASN A 299 13.25 -12.08 39.24
CA ASN A 299 13.96 -11.74 38.00
C ASN A 299 14.89 -10.54 38.22
N VAL A 300 14.37 -9.48 38.85
CA VAL A 300 15.14 -8.26 39.05
C VAL A 300 16.27 -8.50 40.05
N ARG A 301 15.95 -9.15 41.18
CA ARG A 301 16.96 -9.36 42.22
C ARG A 301 18.19 -10.11 41.68
N THR A 302 17.97 -11.16 40.92
CA THR A 302 19.09 -11.96 40.44
C THR A 302 19.65 -11.48 39.11
N SER A 303 19.26 -10.30 38.64
CA SER A 303 19.72 -9.80 37.35
C SER A 303 21.16 -9.29 37.44
N LEU A 304 21.75 -9.07 36.25
CA LEU A 304 23.09 -8.51 36.18
C LEU A 304 23.19 -7.20 36.95
N GLU A 305 22.20 -6.31 36.79
CA GLU A 305 22.19 -5.04 37.50
C GLU A 305 21.77 -5.16 38.97
N GLY A 306 21.06 -6.21 39.32
CA GLY A 306 20.42 -6.29 40.62
C GLY A 306 19.21 -5.37 40.70
N TYR A 307 18.84 -5.05 41.93
CA TYR A 307 17.66 -4.23 42.18
C TYR A 307 17.66 -2.92 41.39
N PRO A 308 18.80 -2.27 41.13
CA PRO A 308 18.76 -1.03 40.33
C PRO A 308 18.13 -1.19 38.96
N ALA A 309 18.10 -2.42 38.40
CA ALA A 309 17.37 -2.62 37.15
C ALA A 309 15.91 -2.22 37.29
N GLY A 310 15.35 -2.33 38.49
CA GLY A 310 13.97 -1.95 38.76
C GLY A 310 13.69 -0.45 38.65
N GLY A 311 14.74 0.38 38.66
CA GLY A 311 14.54 1.79 38.37
C GLY A 311 14.06 2.04 36.96
N SER A 312 14.21 1.04 36.07
CA SER A 312 13.77 1.13 34.67
C SER A 312 12.55 0.25 34.39
N LEU A 313 11.86 -0.17 35.44
CA LEU A 313 10.63 -0.97 35.34
C LEU A 313 9.59 -0.28 36.23
N PRO A 314 9.07 0.86 35.80
CA PRO A 314 8.34 1.79 36.72
C PRO A 314 6.86 1.50 36.92
N TYR A 315 6.58 0.39 37.57
CA TYR A 315 5.23 -0.02 37.95
C TYR A 315 5.02 0.38 39.41
N SER A 316 4.15 1.35 39.66
CA SER A 316 3.99 1.90 40.99
C SER A 316 2.99 1.09 41.82
N ILE A 317 3.21 1.08 43.13
CA ILE A 317 2.30 0.36 44.02
C ILE A 317 0.90 0.96 43.97
N GLN A 318 0.79 2.27 43.78
CA GLN A 318 -0.52 2.90 43.72
C GLN A 318 -1.34 2.36 42.56
N THR A 319 -0.70 2.14 41.42
CA THR A 319 -1.38 1.55 40.27
C THR A 319 -1.69 0.08 40.51
N ALA A 320 -0.70 -0.69 40.99
CA ALA A 320 -0.83 -2.14 41.03
C ALA A 320 -1.90 -2.59 42.01
N GLU A 321 -2.06 -1.88 43.13
CA GLU A 321 -3.03 -2.31 44.14
C GLU A 321 -4.47 -2.15 43.66
N LYS A 322 -4.69 -1.36 42.61
CA LYS A 322 -6.02 -1.19 42.05
C LYS A 322 -6.36 -2.24 40.99
N GLN A 323 -5.42 -3.11 40.63
CA GLN A 323 -5.65 -4.05 39.54
C GLN A 323 -4.94 -5.37 39.80
N ASN A 324 -5.11 -5.93 40.99
CA ASN A 324 -4.51 -7.23 41.26
C ASN A 324 -5.00 -8.31 40.31
N TRP A 325 -6.18 -8.14 39.69
CA TRP A 325 -6.66 -9.12 38.72
C TRP A 325 -5.67 -9.32 37.59
N LEU A 326 -4.89 -8.28 37.27
CA LEU A 326 -3.99 -8.31 36.11
C LEU A 326 -2.85 -9.29 36.31
N HIS A 327 -2.39 -9.47 37.55
CA HIS A 327 -1.15 -10.20 37.76
C HIS A 327 -1.29 -11.69 37.48
N SER A 328 -2.53 -12.21 37.44
N SER A 328 -2.53 -12.21 37.44
CA SER A 328 -2.73 -13.60 37.04
CA SER A 328 -2.72 -13.60 37.04
C SER A 328 -2.38 -13.84 35.58
C SER A 328 -2.37 -13.84 35.58
N TYR A 329 -2.17 -12.78 34.80
CA TYR A 329 -1.75 -12.89 33.40
C TYR A 329 -0.23 -12.89 33.24
N PHE A 330 0.52 -12.68 34.33
CA PHE A 330 1.93 -12.34 34.22
C PHE A 330 2.80 -13.59 34.16
N HIS A 331 3.82 -13.51 33.30
CA HIS A 331 4.78 -14.57 33.09
C HIS A 331 6.18 -13.99 33.27
N LYS A 332 7.11 -14.83 33.75
CA LYS A 332 8.46 -14.39 34.08
C LYS A 332 9.23 -14.00 32.83
N TRP A 333 10.25 -13.18 33.03
CA TRP A 333 11.20 -12.93 31.96
C TRP A 333 12.17 -14.10 31.86
N SER A 334 12.30 -14.67 30.67
CA SER A 334 13.24 -15.76 30.44
C SER A 334 13.73 -15.66 29.01
N ALA A 335 15.06 -15.71 28.82
CA ALA A 335 15.63 -15.46 27.50
C ALA A 335 16.90 -16.29 27.31
N GLU A 336 16.85 -17.56 27.67
CA GLU A 336 17.98 -18.44 27.38
C GLU A 336 18.32 -18.45 25.90
N THR A 337 17.31 -18.31 25.03
CA THR A 337 17.55 -18.34 23.59
C THR A 337 18.58 -17.30 23.16
N SER A 338 18.65 -16.17 23.87
CA SER A 338 19.59 -15.11 23.53
C SER A 338 20.59 -14.85 24.66
N GLY A 339 20.72 -15.78 25.61
CA GLY A 339 21.61 -15.62 26.75
C GLY A 339 21.30 -14.43 27.64
N ARG A 340 20.06 -13.96 27.66
CA ARG A 340 19.71 -12.69 28.29
C ARG A 340 18.69 -12.83 29.42
N SER A 341 18.57 -14.01 30.04
CA SER A 341 17.64 -14.14 31.16
C SER A 341 17.96 -13.18 32.30
N ASN A 342 19.23 -12.80 32.46
CA ASN A 342 19.62 -11.91 33.55
C ASN A 342 19.82 -10.48 33.08
N ALA A 343 19.45 -10.17 31.84
CA ALA A 343 19.54 -8.81 31.30
C ALA A 343 18.10 -8.30 31.24
N MET A 344 17.71 -7.47 32.22
CA MET A 344 16.30 -7.15 32.35
C MET A 344 15.78 -6.45 31.09
N PRO A 345 14.53 -6.70 30.72
CA PRO A 345 13.99 -6.14 29.46
C PRO A 345 13.60 -4.68 29.59
N HIS A 346 14.08 -3.87 28.65
CA HIS A 346 13.48 -2.57 28.36
C HIS A 346 12.90 -2.52 26.94
N ILE A 347 13.16 -3.54 26.13
CA ILE A 347 12.43 -3.74 24.89
C ILE A 347 10.94 -3.96 25.20
N LYS A 348 10.07 -3.63 24.24
CA LYS A 348 8.65 -3.97 24.30
C LYS A 348 8.31 -4.72 23.01
N THR A 349 7.64 -5.85 23.12
CA THR A 349 7.28 -6.63 21.93
C THR A 349 5.88 -7.20 22.09
N TYR A 350 5.22 -7.41 20.96
CA TYR A 350 3.90 -8.04 20.89
C TYR A 350 3.92 -8.98 19.71
N MET A 351 3.28 -10.14 19.83
CA MET A 351 3.32 -11.10 18.73
C MET A 351 2.17 -12.08 18.87
N ARG A 352 1.97 -12.87 17.80
CA ARG A 352 0.85 -13.80 17.71
C ARG A 352 1.36 -15.19 17.35
N PRO A 353 1.81 -15.96 18.34
CA PRO A 353 2.35 -17.30 18.03
C PRO A 353 1.25 -18.33 17.80
N SER A 354 1.66 -19.42 17.17
CA SER A 354 0.79 -20.56 16.94
C SER A 354 0.59 -21.30 18.27
N PRO A 355 -0.39 -22.21 18.35
CA PRO A 355 -0.67 -22.88 19.63
C PRO A 355 0.53 -23.60 20.22
N ASP A 356 1.46 -24.09 19.40
CA ASP A 356 2.67 -24.75 19.89
C ASP A 356 3.89 -23.83 19.85
N PHE A 357 3.69 -22.53 19.62
CA PHE A 357 4.73 -21.52 19.62
C PHE A 357 5.85 -21.78 18.61
N SER A 358 5.60 -22.57 17.56
CA SER A 358 6.61 -22.83 16.55
C SER A 358 6.58 -21.85 15.40
N LYS A 359 5.49 -21.10 15.25
CA LYS A 359 5.32 -20.10 14.20
C LYS A 359 4.75 -18.84 14.84
N ILE A 360 4.85 -17.71 14.12
CA ILE A 360 4.16 -16.50 14.56
C ILE A 360 3.50 -15.87 13.33
N ALA A 361 2.30 -15.34 13.54
CA ALA A 361 1.58 -14.65 12.49
C ALA A 361 2.06 -13.23 12.27
N TRP A 362 2.76 -12.65 13.25
CA TRP A 362 3.32 -11.30 13.15
C TRP A 362 4.13 -11.00 14.42
N PHE A 363 4.95 -9.96 14.34
CA PHE A 363 5.81 -9.56 15.45
C PHE A 363 5.92 -8.04 15.40
N LEU A 364 5.79 -7.39 16.56
CA LEU A 364 5.93 -5.94 16.68
C LEU A 364 6.99 -5.64 17.73
N VAL A 365 7.92 -4.74 17.41
CA VAL A 365 8.83 -4.18 18.40
C VAL A 365 8.52 -2.70 18.47
N THR A 366 8.45 -2.16 19.69
CA THR A 366 7.92 -0.81 19.84
C THR A 366 8.41 -0.20 21.15
N SER A 367 8.14 1.09 21.30
CA SER A 367 8.30 1.76 22.58
C SER A 367 7.08 1.64 23.48
N ALA A 368 5.96 1.15 22.95
CA ALA A 368 4.68 1.19 23.68
C ALA A 368 4.62 0.14 24.78
N ASN A 369 4.45 0.59 26.03
CA ASN A 369 4.22 -0.28 27.17
C ASN A 369 2.74 -0.68 27.26
N LEU A 370 2.37 -1.44 28.31
CA LEU A 370 0.99 -1.91 28.46
C LEU A 370 0.20 -0.81 29.15
N SER A 371 -0.23 0.19 28.36
CA SER A 371 -0.92 1.32 28.96
C SER A 371 -1.85 1.96 27.94
N LYS A 372 -2.96 2.51 28.46
CA LYS A 372 -3.90 3.26 27.64
C LYS A 372 -3.27 4.52 27.06
N ALA A 373 -2.34 5.14 27.81
CA ALA A 373 -1.70 6.36 27.32
C ALA A 373 -0.96 6.10 26.00
N ALA A 374 -0.33 4.93 25.89
CA ALA A 374 0.49 4.55 24.74
C ALA A 374 -0.34 4.01 23.58
N TRP A 375 -1.33 3.17 23.87
CA TRP A 375 -2.07 2.47 22.84
C TRP A 375 -3.38 3.14 22.48
N GLY A 376 -3.89 4.00 23.35
CA GLY A 376 -5.14 4.70 23.15
C GLY A 376 -6.30 4.00 23.83
N ALA A 377 -7.31 4.79 24.19
CA ALA A 377 -8.52 4.29 24.82
C ALA A 377 -9.72 4.97 24.17
N LEU A 378 -10.74 4.18 23.87
CA LEU A 378 -11.93 4.71 23.22
C LEU A 378 -12.71 5.62 24.16
N GLU A 379 -13.24 6.71 23.62
CA GLU A 379 -14.03 7.70 24.33
C GLU A 379 -15.26 8.03 23.49
N LYS A 380 -16.20 8.78 24.10
CA LYS A 380 -17.37 9.29 23.38
C LYS A 380 -18.14 8.16 22.70
N ASN A 381 -18.55 7.19 23.51
CA ASN A 381 -19.43 6.12 23.03
C ASN A 381 -18.77 5.32 21.91
N GLY A 382 -17.45 5.14 22.02
CA GLY A 382 -16.71 4.33 21.06
C GLY A 382 -16.35 5.02 19.76
N THR A 383 -16.54 6.32 19.64
CA THR A 383 -16.33 7.04 18.39
C THR A 383 -15.03 7.83 18.36
N GLN A 384 -14.27 7.84 19.45
CA GLN A 384 -13.06 8.65 19.50
C GLN A 384 -11.97 7.86 20.21
N LEU A 385 -10.77 7.84 19.64
CA LEU A 385 -9.62 7.18 20.25
C LEU A 385 -8.69 8.27 20.81
N MET A 386 -8.50 8.28 22.13
CA MET A 386 -7.68 9.27 22.79
C MET A 386 -6.35 8.64 23.16
N ILE A 387 -5.26 9.28 22.72
CA ILE A 387 -3.89 8.86 22.99
C ILE A 387 -3.18 10.00 23.69
N ARG A 388 -2.43 9.69 24.73
CA ARG A 388 -1.73 10.75 25.46
C ARG A 388 -0.29 10.96 25.04
N SER A 389 0.35 9.96 24.43
N SER A 389 0.37 9.96 24.44
CA SER A 389 1.80 9.93 24.30
CA SER A 389 1.82 9.97 24.33
C SER A 389 2.25 9.76 22.85
C SER A 389 2.29 9.61 22.92
N TYR A 390 3.54 9.97 22.65
CA TYR A 390 4.22 9.61 21.41
C TYR A 390 4.86 8.24 21.59
N GLU A 391 4.59 7.33 20.65
CA GLU A 391 5.19 6.00 20.64
C GLU A 391 5.53 5.63 19.20
N LEU A 392 6.44 4.68 19.04
CA LEU A 392 6.78 4.24 17.68
C LEU A 392 7.32 2.81 17.69
N GLY A 393 6.87 2.02 16.73
CA GLY A 393 7.37 0.66 16.55
C GLY A 393 7.25 0.24 15.10
N VAL A 394 7.77 -0.96 14.79
CA VAL A 394 7.66 -1.50 13.44
C VAL A 394 7.07 -2.89 13.52
N LEU A 395 6.21 -3.21 12.56
CA LEU A 395 5.47 -4.45 12.51
C LEU A 395 6.00 -5.34 11.38
N PHE A 396 6.32 -6.59 11.72
CA PHE A 396 6.79 -7.59 10.76
C PHE A 396 5.61 -8.48 10.44
N LEU A 397 5.14 -8.43 9.18
CA LEU A 397 4.04 -9.25 8.69
C LEU A 397 4.55 -10.23 7.65
N PRO A 398 4.18 -11.50 7.75
CA PRO A 398 4.65 -12.48 6.77
C PRO A 398 4.34 -12.08 5.32
N SER A 399 3.17 -11.48 5.07
CA SER A 399 2.84 -11.08 3.70
C SER A 399 3.87 -10.10 3.12
N ALA A 400 4.47 -9.26 3.96
CA ALA A 400 5.48 -8.33 3.47
C ALA A 400 6.76 -9.02 3.05
N PHE A 401 6.88 -10.31 3.35
CA PHE A 401 8.06 -11.09 2.98
C PHE A 401 7.71 -12.23 2.05
N GLY A 402 6.49 -12.25 1.52
CA GLY A 402 6.06 -13.34 0.66
C GLY A 402 5.84 -14.64 1.39
N LEU A 403 5.41 -14.58 2.64
CA LEU A 403 5.23 -15.76 3.47
C LEU A 403 3.84 -15.79 4.07
N ASP A 404 3.43 -16.97 4.53
CA ASP A 404 2.15 -17.09 5.24
C ASP A 404 2.31 -16.99 6.74
N SER A 405 3.47 -17.38 7.27
CA SER A 405 3.81 -17.20 8.68
C SER A 405 5.32 -17.18 8.78
N PHE A 406 5.83 -16.81 9.96
CA PHE A 406 7.24 -16.87 10.27
C PHE A 406 7.50 -18.09 11.14
N LYS A 407 8.53 -18.86 10.81
N LYS A 407 8.55 -18.85 10.82
CA LYS A 407 9.04 -19.86 11.75
CA LYS A 407 9.03 -19.86 11.76
C LYS A 407 9.79 -19.14 12.85
C LYS A 407 9.82 -19.16 12.85
N VAL A 408 9.69 -19.66 14.07
CA VAL A 408 10.42 -19.06 15.20
C VAL A 408 11.82 -19.63 15.24
N LYS A 409 12.82 -18.75 15.29
CA LYS A 409 14.21 -19.21 15.39
C LYS A 409 14.45 -19.82 16.77
N GLN A 410 15.02 -21.02 16.80
CA GLN A 410 15.12 -21.73 18.08
C GLN A 410 16.23 -21.18 18.98
N LYS A 411 17.34 -20.75 18.38
CA LYS A 411 18.41 -20.05 19.09
C LYS A 411 18.65 -18.72 18.40
N PHE A 412 18.51 -17.62 19.17
CA PHE A 412 18.47 -16.28 18.59
C PHE A 412 19.68 -15.99 17.73
N PHE A 413 20.87 -16.42 18.17
CA PHE A 413 22.12 -16.16 17.47
C PHE A 413 22.63 -17.39 16.70
N ALA A 414 21.77 -18.34 16.36
CA ALA A 414 22.19 -19.54 15.66
C ALA A 414 22.16 -19.33 14.15
N GLY A 415 22.54 -20.36 13.41
CA GLY A 415 22.57 -20.30 11.96
C GLY A 415 21.19 -20.26 11.32
N PRO A 419 17.06 -21.87 7.30
CA PRO A 419 16.76 -20.79 6.35
C PRO A 419 16.60 -19.44 7.04
N MET A 420 17.15 -18.38 6.43
CA MET A 420 17.11 -17.05 7.02
C MET A 420 15.69 -16.49 7.16
N ALA A 421 14.65 -17.22 6.73
CA ALA A 421 13.26 -16.79 6.84
C ALA A 421 12.61 -17.18 8.17
N THR A 422 13.39 -17.42 9.21
CA THR A 422 12.88 -17.70 10.53
C THR A 422 13.08 -16.47 11.41
N PHE A 423 12.06 -16.14 12.20
CA PHE A 423 12.15 -14.84 12.87
C PHE A 423 12.86 -14.94 14.21
N PRO A 424 13.77 -14.00 14.51
CA PRO A 424 14.52 -14.08 15.77
C PRO A 424 13.75 -13.53 16.96
N VAL A 425 12.95 -14.36 17.60
CA VAL A 425 12.25 -14.00 18.85
C VAL A 425 13.29 -13.99 19.96
N PRO A 426 13.44 -12.88 20.70
CA PRO A 426 14.59 -12.76 21.61
C PRO A 426 14.40 -13.37 22.99
N TYR A 427 13.23 -13.92 23.32
CA TYR A 427 13.03 -14.56 24.62
C TYR A 427 12.35 -15.90 24.43
N ASP A 428 12.27 -16.67 25.52
CA ASP A 428 11.85 -18.08 25.43
C ASP A 428 10.36 -18.25 25.27
N LEU A 429 9.97 -19.28 24.50
CA LEU A 429 8.59 -19.70 24.35
C LEU A 429 8.46 -21.17 24.72
N PRO A 430 7.34 -21.58 25.33
CA PRO A 430 6.25 -20.73 25.81
C PRO A 430 6.70 -19.95 27.05
N PRO A 431 6.08 -18.81 27.29
CA PRO A 431 6.40 -18.05 28.51
C PRO A 431 5.98 -18.82 29.75
N GLU A 432 6.67 -18.56 30.85
CA GLU A 432 6.48 -19.34 32.07
C GLU A 432 5.66 -18.52 33.08
N LEU A 433 4.56 -19.10 33.55
CA LEU A 433 3.71 -18.38 34.48
C LEU A 433 4.46 -18.11 35.78
N TYR A 434 4.18 -16.96 36.40
CA TYR A 434 4.66 -16.70 37.75
C TYR A 434 4.31 -17.87 38.64
N GLY A 435 5.25 -18.26 39.51
CA GLY A 435 4.93 -19.19 40.58
C GLY A 435 4.13 -18.53 41.69
N SER A 436 3.62 -19.34 42.62
CA SER A 436 2.72 -18.81 43.63
C SER A 436 3.41 -17.80 44.53
N LYS A 437 4.73 -17.92 44.70
CA LYS A 437 5.48 -17.00 45.54
C LYS A 437 6.03 -15.80 44.77
N ASP A 438 5.85 -15.76 43.47
CA ASP A 438 6.33 -14.64 42.67
C ASP A 438 5.39 -13.44 42.78
N ARG A 439 5.96 -12.26 42.59
CA ARG A 439 5.22 -11.00 42.59
C ARG A 439 5.76 -10.15 41.45
N PRO A 440 4.94 -9.30 40.83
CA PRO A 440 5.46 -8.41 39.80
C PRO A 440 6.40 -7.38 40.42
N TRP A 441 7.45 -7.04 39.69
CA TRP A 441 8.32 -5.97 40.17
C TRP A 441 7.53 -4.68 40.32
N ILE A 442 7.55 -4.11 41.53
CA ILE A 442 6.88 -2.85 41.83
C ILE A 442 7.96 -1.91 42.38
N TRP A 443 8.18 -0.77 41.71
CA TRP A 443 9.46 -0.08 41.86
C TRP A 443 9.55 0.80 43.09
N ASN A 444 8.42 1.13 43.72
CA ASN A 444 8.45 2.09 44.82
C ASN A 444 7.97 1.47 46.13
N ILE A 445 8.31 0.20 46.36
CA ILE A 445 8.21 -0.42 47.68
C ILE A 445 9.54 -1.10 47.97
N PRO A 446 9.86 -1.31 49.26
CA PRO A 446 11.17 -1.90 49.58
C PRO A 446 11.19 -3.42 49.44
N TYR A 447 12.38 -3.94 49.15
CA TYR A 447 12.67 -5.37 49.17
C TYR A 447 13.91 -5.57 50.03
N VAL A 448 13.73 -6.19 51.21
CA VAL A 448 14.78 -6.28 52.20
C VAL A 448 14.90 -7.71 52.69
N LYS A 449 14.27 -8.64 51.97
CA LYS A 449 14.24 -10.04 52.36
C LYS A 449 15.50 -10.78 51.92
N ALA A 450 16.02 -10.46 50.73
CA ALA A 450 17.13 -11.17 50.15
C ALA A 450 17.92 -10.20 49.28
N PRO A 451 19.25 -10.23 49.34
CA PRO A 451 20.06 -9.25 48.62
C PRO A 451 20.25 -9.59 47.14
N ASP A 452 20.60 -8.57 46.36
CA ASP A 452 20.73 -8.73 44.92
C ASP A 452 22.15 -9.18 44.56
N THR A 453 22.47 -9.21 43.26
CA THR A 453 23.76 -9.72 42.79
C THR A 453 24.93 -8.85 43.20
N HIS A 454 24.69 -7.64 43.70
CA HIS A 454 25.73 -6.75 44.18
C HIS A 454 25.78 -6.66 45.70
N GLY A 455 24.95 -7.45 46.39
CA GLY A 455 24.93 -7.47 47.84
C GLY A 455 23.99 -6.48 48.51
N ASN A 456 23.08 -5.86 47.76
CA ASN A 456 22.27 -4.76 48.27
C ASN A 456 20.78 -5.10 48.33
N MET A 457 20.08 -4.38 49.20
CA MET A 457 18.63 -4.39 49.26
C MET A 457 18.07 -3.24 48.42
N TRP A 458 16.74 -3.13 48.37
CA TRP A 458 16.07 -2.06 47.64
C TRP A 458 15.24 -1.26 48.64
N VAL A 459 15.63 -0.02 48.86
CA VAL A 459 14.92 0.87 49.80
C VAL A 459 14.66 2.21 49.12
N PRO A 460 13.50 2.39 48.47
CA PRO A 460 13.15 3.59 47.69
C PRO A 460 13.11 4.88 48.51
N ASN B 15 9.27 9.11 -20.87
CA ASN B 15 8.13 9.09 -19.96
C ASN B 15 8.30 8.07 -18.84
N PRO B 16 7.73 8.36 -17.67
CA PRO B 16 7.51 7.28 -16.69
C PRO B 16 6.24 6.52 -16.96
N PHE B 17 5.38 7.02 -17.85
CA PHE B 17 4.00 6.55 -17.84
C PHE B 17 3.78 5.29 -18.67
N GLN B 18 4.57 5.09 -19.73
CA GLN B 18 4.44 3.88 -20.56
C GLN B 18 3.02 3.73 -21.08
N PHE B 19 2.42 4.84 -21.49
CA PHE B 19 1.10 4.86 -22.08
C PHE B 19 1.25 5.16 -23.56
N TYR B 20 0.75 4.25 -24.40
CA TYR B 20 0.97 4.31 -25.84
C TYR B 20 -0.36 4.27 -26.58
N LEU B 21 -0.37 4.81 -27.80
CA LEU B 21 -1.46 4.58 -28.73
C LEU B 21 -1.04 3.54 -29.76
N THR B 22 -2.04 2.87 -30.34
CA THR B 22 -1.76 1.94 -31.42
C THR B 22 -1.43 2.72 -32.69
N ARG B 23 -0.69 2.07 -33.58
CA ARG B 23 -0.38 2.67 -34.89
C ARG B 23 -1.65 2.85 -35.72
N VAL B 24 -1.73 3.95 -36.45
CA VAL B 24 -2.89 4.25 -37.29
C VAL B 24 -2.42 4.33 -38.74
N SER B 25 -3.01 3.50 -39.60
N SER B 25 -3.00 3.50 -39.60
CA SER B 25 -2.70 3.53 -41.02
CA SER B 25 -2.67 3.53 -41.02
C SER B 25 -3.36 4.73 -41.67
C SER B 25 -3.35 4.71 -41.69
N GLY B 26 -2.60 5.45 -42.50
CA GLY B 26 -3.17 6.54 -43.26
C GLY B 26 -3.05 7.91 -42.64
N VAL B 27 -2.28 8.05 -41.56
CA VAL B 27 -1.89 9.37 -41.06
C VAL B 27 -0.39 9.55 -41.31
N LYS B 28 0.06 10.79 -41.21
CA LYS B 28 1.45 11.10 -41.46
C LYS B 28 2.33 10.33 -40.48
N PRO B 29 3.54 9.92 -40.92
CA PRO B 29 4.40 9.10 -40.04
C PRO B 29 4.71 9.74 -38.69
N LYS B 30 4.77 11.08 -38.60
CA LYS B 30 5.08 11.70 -37.32
C LYS B 30 4.03 11.37 -36.25
N TYR B 31 2.81 11.07 -36.66
CA TYR B 31 1.77 10.69 -35.72
C TYR B 31 1.83 9.23 -35.32
N ASN B 32 2.75 8.45 -35.87
CA ASN B 32 2.97 7.08 -35.44
C ASN B 32 4.31 6.87 -34.78
N SER B 33 5.13 7.92 -34.65
CA SER B 33 6.39 7.77 -33.95
C SER B 33 6.12 7.64 -32.45
N GLY B 34 6.50 6.51 -31.88
CA GLY B 34 6.12 6.26 -30.50
C GLY B 34 4.74 5.65 -30.31
N ALA B 35 4.06 5.28 -31.39
CA ALA B 35 2.90 4.41 -31.30
C ALA B 35 3.37 2.95 -31.40
N LEU B 36 2.50 2.02 -31.03
CA LEU B 36 2.85 0.60 -31.01
C LEU B 36 1.86 -0.20 -31.82
N HIS B 37 2.37 -1.08 -32.68
CA HIS B 37 1.55 -2.11 -33.29
C HIS B 37 1.70 -3.40 -32.49
N ILE B 38 0.75 -4.31 -32.66
CA ILE B 38 0.82 -5.57 -31.90
C ILE B 38 2.11 -6.32 -32.22
N LYS B 39 2.57 -6.25 -33.48
CA LYS B 39 3.85 -6.90 -33.81
C LYS B 39 5.01 -6.30 -33.03
N ASP B 40 4.94 -5.01 -32.70
CA ASP B 40 5.98 -4.43 -31.87
C ASP B 40 5.95 -5.00 -30.47
N ILE B 41 4.75 -5.21 -29.93
CA ILE B 41 4.62 -5.69 -28.56
C ILE B 41 5.15 -7.11 -28.44
N LEU B 42 4.92 -7.94 -29.45
CA LEU B 42 5.33 -9.34 -29.40
C LEU B 42 6.74 -9.58 -29.96
N SER B 43 7.45 -8.53 -30.34
CA SER B 43 8.75 -8.65 -30.98
C SER B 43 9.77 -9.26 -30.04
N PRO B 44 10.80 -9.93 -30.56
N PRO B 44 10.79 -9.94 -30.56
CA PRO B 44 11.86 -10.45 -29.69
CA PRO B 44 11.86 -10.46 -29.69
C PRO B 44 12.62 -9.36 -28.95
C PRO B 44 12.63 -9.37 -28.95
N LEU B 45 12.55 -8.12 -29.43
CA LEU B 45 13.17 -7.01 -28.71
C LEU B 45 12.55 -6.80 -27.35
N PHE B 46 11.29 -7.20 -27.17
CA PHE B 46 10.61 -7.05 -25.87
C PHE B 46 10.91 -8.20 -24.92
N GLY B 47 11.45 -9.31 -25.41
CA GLY B 47 11.76 -10.46 -24.58
C GLY B 47 11.69 -11.74 -25.40
N THR B 48 12.30 -12.80 -24.86
CA THR B 48 12.32 -14.13 -25.49
C THR B 48 11.13 -14.94 -24.98
N LEU B 49 10.07 -14.99 -25.77
CA LEU B 49 8.79 -15.50 -25.29
C LEU B 49 8.83 -16.98 -24.99
N VAL B 50 8.24 -17.35 -23.86
CA VAL B 50 8.07 -18.74 -23.46
C VAL B 50 6.61 -19.16 -23.51
N SER B 51 5.71 -18.30 -23.06
N SER B 51 5.70 -18.27 -23.11
CA SER B 51 4.27 -18.56 -23.16
CA SER B 51 4.28 -18.56 -23.03
C SER B 51 3.57 -17.23 -23.06
C SER B 51 3.54 -17.23 -22.94
N SER B 52 2.27 -17.23 -23.36
CA SER B 52 1.48 -16.01 -23.28
C SER B 52 0.01 -16.33 -23.01
N ALA B 53 -0.68 -15.37 -22.40
CA ALA B 53 -2.11 -15.40 -22.25
C ALA B 53 -2.69 -14.15 -22.90
N GLN B 54 -3.77 -14.33 -23.65
CA GLN B 54 -4.46 -13.24 -24.34
C GLN B 54 -5.88 -13.19 -23.80
N PHE B 55 -6.16 -12.19 -22.95
CA PHE B 55 -7.51 -11.93 -22.47
C PHE B 55 -8.15 -10.98 -23.46
N ASN B 56 -9.35 -11.30 -23.93
CA ASN B 56 -10.03 -10.39 -24.85
C ASN B 56 -11.49 -10.76 -25.01
N TYR B 57 -12.17 -10.00 -25.85
CA TYR B 57 -13.56 -10.20 -26.20
C TYR B 57 -13.70 -10.97 -27.52
N CYS B 58 -13.11 -10.47 -28.60
N CYS B 58 -13.06 -10.46 -28.58
CA CYS B 58 -13.22 -11.18 -29.86
CA CYS B 58 -13.16 -11.00 -29.93
C CYS B 58 -11.84 -11.35 -30.48
C CYS B 58 -11.78 -11.34 -30.45
N PHE B 59 -11.66 -12.48 -31.15
CA PHE B 59 -10.38 -12.97 -31.63
C PHE B 59 -10.49 -13.37 -33.10
N ASP B 60 -9.44 -13.07 -33.87
CA ASP B 60 -9.20 -13.70 -35.17
C ASP B 60 -7.90 -14.50 -35.01
N VAL B 61 -8.02 -15.83 -34.83
CA VAL B 61 -6.86 -16.59 -34.40
C VAL B 61 -5.82 -16.68 -35.50
N ASP B 62 -6.25 -16.86 -36.75
CA ASP B 62 -5.30 -16.86 -37.86
C ASP B 62 -4.48 -15.57 -37.87
N TRP B 63 -5.18 -14.44 -37.76
CA TRP B 63 -4.50 -13.15 -37.70
C TRP B 63 -3.59 -13.07 -36.48
N LEU B 64 -4.10 -13.48 -35.32
CA LEU B 64 -3.34 -13.32 -34.09
C LEU B 64 -2.01 -14.06 -34.14
N VAL B 65 -2.03 -15.32 -34.58
CA VAL B 65 -0.79 -16.08 -34.63
C VAL B 65 0.23 -15.42 -35.56
N LYS B 66 -0.23 -14.78 -36.64
CA LYS B 66 0.69 -14.12 -37.56
C LYS B 66 1.34 -12.88 -36.96
N GLN B 67 0.78 -12.33 -35.89
CA GLN B 67 1.42 -11.21 -35.21
C GLN B 67 2.57 -11.65 -34.31
N TYR B 68 2.58 -12.90 -33.87
CA TYR B 68 3.74 -13.38 -33.14
C TYR B 68 4.90 -13.60 -34.10
N PRO B 69 6.13 -13.30 -33.69
CA PRO B 69 7.27 -13.58 -34.56
C PRO B 69 7.33 -15.06 -34.86
N PRO B 70 7.84 -15.43 -36.04
CA PRO B 70 7.84 -16.84 -36.44
C PRO B 70 8.45 -17.77 -35.41
N GLU B 71 9.54 -17.34 -34.75
CA GLU B 71 10.22 -18.19 -33.77
C GLU B 71 9.44 -18.37 -32.47
N PHE B 72 8.40 -17.59 -32.23
CA PHE B 72 7.56 -17.76 -31.04
C PHE B 72 6.19 -18.33 -31.37
N ARG B 73 5.94 -18.67 -32.63
CA ARG B 73 4.57 -18.96 -33.04
C ARG B 73 4.03 -20.28 -32.51
N LYS B 74 4.91 -21.17 -32.04
CA LYS B 74 4.47 -22.44 -31.48
C LYS B 74 4.47 -22.46 -29.95
N LYS B 75 4.93 -21.39 -29.31
CA LYS B 75 4.86 -21.32 -27.85
C LYS B 75 3.40 -21.38 -27.39
N PRO B 76 3.14 -21.90 -26.20
CA PRO B 76 1.74 -22.03 -25.75
C PRO B 76 1.06 -20.68 -25.66
N ILE B 77 -0.20 -20.63 -26.08
CA ILE B 77 -1.04 -19.44 -25.99
C ILE B 77 -2.35 -19.82 -25.32
N LEU B 78 -2.75 -19.04 -24.33
CA LEU B 78 -4.03 -19.23 -23.66
C LEU B 78 -4.97 -18.09 -24.04
N LEU B 79 -6.08 -18.41 -24.68
CA LEU B 79 -7.10 -17.44 -24.99
C LEU B 79 -8.15 -17.44 -23.88
N VAL B 80 -8.30 -16.30 -23.20
CA VAL B 80 -9.33 -16.14 -22.17
C VAL B 80 -10.48 -15.33 -22.76
N HIS B 81 -11.66 -15.95 -22.87
CA HIS B 81 -12.80 -15.39 -23.56
C HIS B 81 -14.07 -15.60 -22.73
N GLY B 82 -15.18 -15.03 -23.20
CA GLY B 82 -16.45 -15.21 -22.50
C GLY B 82 -17.55 -15.82 -23.35
N ASP B 83 -17.19 -16.37 -24.51
CA ASP B 83 -18.17 -16.86 -25.47
C ASP B 83 -18.89 -18.12 -24.97
N LYS B 84 -20.17 -18.24 -25.35
CA LYS B 84 -21.02 -19.35 -24.95
C LYS B 84 -21.66 -19.98 -26.18
N ARG B 85 -22.17 -21.21 -26.00
CA ARG B 85 -22.97 -21.91 -27.00
C ARG B 85 -22.32 -21.93 -28.38
N GLU B 86 -23.02 -21.40 -29.39
CA GLU B 86 -22.50 -21.44 -30.75
C GLU B 86 -21.24 -20.61 -30.90
N ALA B 87 -21.21 -19.41 -30.30
CA ALA B 87 -20.03 -18.56 -30.36
C ALA B 87 -18.80 -19.27 -29.81
N LYS B 88 -18.97 -19.97 -28.69
CA LYS B 88 -17.87 -20.74 -28.12
C LYS B 88 -17.39 -21.81 -29.10
N ALA B 89 -18.31 -22.46 -29.82
CA ALA B 89 -17.92 -23.47 -30.80
C ALA B 89 -17.11 -22.84 -31.93
N HIS B 90 -17.48 -21.64 -32.37
CA HIS B 90 -16.75 -21.00 -33.46
C HIS B 90 -15.31 -20.72 -33.06
N LEU B 91 -15.08 -20.24 -31.84
CA LEU B 91 -13.72 -19.93 -31.41
C LEU B 91 -12.87 -21.18 -31.29
N HIS B 92 -13.42 -22.26 -30.73
CA HIS B 92 -12.69 -23.53 -30.71
C HIS B 92 -12.34 -23.99 -32.12
N ALA B 93 -13.26 -23.80 -33.08
CA ALA B 93 -12.97 -24.15 -34.46
C ALA B 93 -11.81 -23.32 -35.00
N GLN B 94 -11.75 -22.03 -34.66
CA GLN B 94 -10.65 -21.19 -35.10
C GLN B 94 -9.31 -21.70 -34.60
N ALA B 95 -9.26 -22.13 -33.35
CA ALA B 95 -8.00 -22.49 -32.71
C ALA B 95 -7.56 -23.92 -32.98
N LYS B 96 -8.47 -24.78 -33.41
CA LYS B 96 -8.15 -26.19 -33.63
C LYS B 96 -6.88 -26.42 -34.46
N PRO B 97 -6.63 -25.70 -35.56
CA PRO B 97 -5.40 -25.96 -36.34
C PRO B 97 -4.10 -25.72 -35.58
N TYR B 98 -4.12 -24.97 -34.47
CA TYR B 98 -2.91 -24.65 -33.72
C TYR B 98 -2.93 -25.44 -32.41
N GLU B 99 -2.07 -26.46 -32.33
CA GLU B 99 -2.08 -27.37 -31.18
C GLU B 99 -1.59 -26.68 -29.91
N ASN B 100 -0.87 -25.58 -30.03
CA ASN B 100 -0.32 -24.84 -28.88
C ASN B 100 -1.32 -23.88 -28.25
N ILE B 101 -2.54 -23.78 -28.75
CA ILE B 101 -3.48 -22.77 -28.27
C ILE B 101 -4.52 -23.45 -27.38
N SER B 102 -4.59 -23.01 -26.13
CA SER B 102 -5.57 -23.45 -25.18
C SER B 102 -6.58 -22.34 -24.92
N LEU B 103 -7.76 -22.72 -24.45
CA LEU B 103 -8.86 -21.78 -24.26
C LEU B 103 -9.41 -21.86 -22.83
N CYS B 104 -9.78 -20.70 -22.30
CA CYS B 104 -10.39 -20.57 -20.98
C CYS B 104 -11.65 -19.75 -21.10
N GLN B 105 -12.80 -20.36 -20.85
CA GLN B 105 -14.08 -19.66 -20.88
C GLN B 105 -14.32 -19.03 -19.52
N ALA B 106 -14.24 -17.70 -19.46
CA ALA B 106 -14.61 -16.99 -18.24
C ALA B 106 -16.08 -17.19 -17.95
N LYS B 107 -16.39 -17.55 -16.70
CA LYS B 107 -17.79 -17.77 -16.35
C LYS B 107 -18.52 -16.44 -16.28
N LEU B 108 -19.73 -16.41 -16.86
CA LEU B 108 -20.59 -15.23 -16.89
C LEU B 108 -21.94 -15.64 -16.32
N ASP B 109 -22.00 -15.76 -15.00
CA ASP B 109 -23.20 -16.29 -14.35
C ASP B 109 -24.31 -15.27 -14.23
N ILE B 110 -24.02 -14.00 -14.37
CA ILE B 110 -25.05 -12.97 -14.40
C ILE B 110 -25.40 -12.69 -15.85
N ALA B 111 -26.70 -12.53 -16.13
CA ALA B 111 -27.15 -12.38 -17.49
C ALA B 111 -26.64 -11.08 -18.10
N PHE B 112 -26.48 -11.10 -19.43
CA PHE B 112 -26.10 -9.92 -20.21
C PHE B 112 -24.71 -9.41 -19.83
N GLY B 113 -23.85 -10.30 -19.32
CA GLY B 113 -22.48 -9.95 -19.03
C GLY B 113 -21.54 -10.28 -20.18
N THR B 114 -20.41 -9.55 -20.21
CA THR B 114 -19.41 -9.69 -21.25
C THR B 114 -18.03 -9.84 -20.63
N HIS B 115 -17.17 -10.59 -21.30
CA HIS B 115 -15.76 -10.57 -20.93
C HIS B 115 -15.08 -9.52 -21.81
N HIS B 116 -14.98 -8.28 -21.26
CA HIS B 116 -14.41 -7.15 -21.99
C HIS B 116 -12.92 -6.94 -21.77
N THR B 117 -12.36 -7.48 -20.69
CA THR B 117 -10.96 -7.27 -20.34
C THR B 117 -10.02 -7.59 -21.50
N LYS B 118 -9.09 -6.65 -21.76
CA LYS B 118 -8.07 -6.83 -22.78
C LYS B 118 -6.70 -6.74 -22.12
N MET B 119 -6.00 -7.87 -22.07
CA MET B 119 -4.74 -7.94 -21.35
C MET B 119 -3.88 -9.02 -22.00
N MET B 120 -2.59 -8.77 -22.06
CA MET B 120 -1.61 -9.79 -22.41
C MET B 120 -0.76 -10.08 -21.19
N LEU B 121 -0.55 -11.36 -20.90
CA LEU B 121 0.51 -11.79 -19.99
C LEU B 121 1.59 -12.45 -20.84
N LEU B 122 2.81 -11.93 -20.75
CA LEU B 122 3.91 -12.37 -21.61
C LEU B 122 5.05 -12.90 -20.74
N LEU B 123 5.22 -14.21 -20.73
CA LEU B 123 6.32 -14.81 -19.96
C LEU B 123 7.54 -15.01 -20.86
N TYR B 124 8.67 -14.47 -20.44
CA TYR B 124 9.93 -14.57 -21.16
C TYR B 124 10.94 -15.40 -20.38
N GLU B 125 12.06 -15.69 -21.06
CA GLU B 125 13.23 -16.22 -20.37
C GLU B 125 13.81 -15.19 -19.42
N GLU B 126 13.67 -13.91 -19.74
CA GLU B 126 14.24 -12.82 -18.97
C GLU B 126 13.31 -12.29 -17.88
N GLY B 127 12.05 -12.71 -17.87
CA GLY B 127 11.11 -12.14 -16.90
C GLY B 127 9.66 -12.24 -17.36
N LEU B 128 8.84 -11.29 -16.91
CA LEU B 128 7.40 -11.28 -17.14
C LEU B 128 6.97 -9.87 -17.48
N ARG B 129 6.03 -9.74 -18.42
CA ARG B 129 5.45 -8.46 -18.78
C ARG B 129 3.93 -8.56 -18.80
N VAL B 130 3.26 -7.47 -18.39
CA VAL B 130 1.80 -7.36 -18.41
C VAL B 130 1.46 -6.20 -19.32
N VAL B 131 0.52 -6.42 -20.24
CA VAL B 131 0.03 -5.39 -21.14
C VAL B 131 -1.47 -5.26 -20.90
N ILE B 132 -1.93 -4.06 -20.58
CA ILE B 132 -3.36 -3.80 -20.41
C ILE B 132 -3.74 -2.76 -21.46
N HIS B 133 -4.69 -3.10 -22.32
CA HIS B 133 -4.91 -2.32 -23.53
C HIS B 133 -6.40 -2.34 -23.85
N THR B 134 -6.76 -1.81 -25.02
CA THR B 134 -8.17 -1.62 -25.35
C THR B 134 -8.60 -2.25 -26.67
N SER B 135 -7.71 -2.96 -27.36
CA SER B 135 -7.97 -3.46 -28.72
C SER B 135 -8.40 -4.94 -28.72
N ASN B 136 -9.45 -5.24 -29.47
CA ASN B 136 -9.76 -6.62 -29.80
C ASN B 136 -8.65 -7.22 -30.66
N LEU B 137 -8.58 -8.56 -30.70
CA LEU B 137 -7.48 -9.20 -31.41
C LEU B 137 -7.92 -9.55 -32.83
N ILE B 138 -8.28 -8.50 -33.57
CA ILE B 138 -8.69 -8.58 -34.96
C ILE B 138 -8.03 -7.43 -35.73
N HIS B 139 -7.82 -7.64 -37.03
CA HIS B 139 -7.06 -6.66 -37.81
C HIS B 139 -7.64 -5.26 -37.68
N ALA B 140 -8.98 -5.14 -37.71
CA ALA B 140 -9.62 -3.83 -37.78
C ALA B 140 -9.37 -3.01 -36.53
N ASP B 141 -9.21 -3.65 -35.37
CA ASP B 141 -9.03 -2.87 -34.15
C ASP B 141 -7.66 -2.24 -34.04
N TRP B 142 -6.69 -2.66 -34.87
CA TRP B 142 -5.34 -2.11 -34.83
C TRP B 142 -4.99 -1.35 -36.10
N HIS B 143 -5.97 -1.07 -36.95
CA HIS B 143 -5.73 -0.49 -38.26
C HIS B 143 -5.89 1.03 -38.26
N GLN B 144 -7.12 1.51 -38.07
CA GLN B 144 -7.37 2.96 -38.14
C GLN B 144 -8.20 3.45 -36.96
N LYS B 145 -8.03 2.85 -35.79
CA LYS B 145 -8.74 3.29 -34.59
C LYS B 145 -7.76 3.93 -33.61
N THR B 146 -8.31 4.76 -32.72
CA THR B 146 -7.56 5.24 -31.57
C THR B 146 -7.74 4.24 -30.44
N GLN B 147 -6.65 3.59 -30.05
CA GLN B 147 -6.64 2.59 -28.99
C GLN B 147 -5.49 2.91 -28.04
N GLY B 148 -5.59 2.43 -26.80
CA GLY B 148 -4.62 2.75 -25.77
C GLY B 148 -3.98 1.48 -25.23
N ILE B 149 -2.70 1.62 -24.83
CA ILE B 149 -1.87 0.51 -24.33
C ILE B 149 -1.09 0.98 -23.11
N TRP B 150 -1.13 0.21 -22.03
CA TRP B 150 -0.17 0.37 -20.93
C TRP B 150 0.78 -0.81 -20.96
N LEU B 151 2.09 -0.52 -20.96
CA LEU B 151 3.14 -1.53 -20.92
C LEU B 151 3.78 -1.57 -19.54
N SER B 152 3.76 -2.74 -18.91
CA SER B 152 4.49 -2.89 -17.66
C SER B 152 6.00 -2.87 -17.91
N PRO B 153 6.79 -2.62 -16.86
CA PRO B 153 8.23 -2.91 -16.97
C PRO B 153 8.44 -4.40 -17.15
N LEU B 154 9.67 -4.76 -17.55
CA LEU B 154 10.09 -6.15 -17.47
C LEU B 154 10.27 -6.54 -16.01
N TYR B 155 9.44 -7.46 -15.55
CA TYR B 155 9.50 -7.89 -14.16
C TYR B 155 10.47 -9.05 -14.05
N PRO B 156 11.53 -8.94 -13.26
CA PRO B 156 12.48 -10.05 -13.12
C PRO B 156 11.93 -11.13 -12.21
N ARG B 157 12.50 -12.33 -12.36
CA ARG B 157 12.14 -13.45 -11.51
C ARG B 157 12.76 -13.27 -10.14
N ILE B 158 12.01 -13.65 -9.09
CA ILE B 158 12.57 -13.64 -7.75
C ILE B 158 13.46 -14.86 -7.59
N ALA B 159 14.67 -14.65 -7.07
CA ALA B 159 15.62 -15.74 -6.90
C ALA B 159 15.00 -16.88 -6.12
N ASP B 160 15.21 -18.11 -6.58
CA ASP B 160 14.73 -19.27 -5.84
C ASP B 160 15.38 -19.31 -4.45
N GLY B 161 14.61 -19.73 -3.46
CA GLY B 161 15.10 -19.73 -2.10
C GLY B 161 15.03 -18.36 -1.45
N THR B 162 14.91 -17.31 -2.26
CA THR B 162 14.73 -15.96 -1.74
C THR B 162 13.25 -15.71 -1.46
N HIS B 163 12.97 -15.14 -0.28
CA HIS B 163 11.61 -14.82 0.13
C HIS B 163 11.45 -13.30 0.16
N LYS B 164 10.80 -12.75 -0.85
CA LYS B 164 10.41 -11.34 -0.86
C LYS B 164 9.00 -11.23 -1.42
N SER B 165 8.35 -10.09 -1.17
CA SER B 165 6.97 -9.99 -1.63
C SER B 165 6.89 -9.75 -3.13
N GLY B 166 7.88 -9.07 -3.70
CA GLY B 166 7.73 -8.60 -5.06
C GLY B 166 6.64 -7.57 -5.25
N GLU B 167 6.18 -6.93 -4.17
CA GLU B 167 5.01 -6.07 -4.24
C GLU B 167 5.39 -4.60 -4.48
N SER B 168 4.52 -3.88 -5.18
N SER B 168 4.52 -3.89 -5.16
CA SER B 168 4.72 -2.47 -5.45
CA SER B 168 4.69 -2.47 -5.47
C SER B 168 3.96 -1.62 -4.43
C SER B 168 3.94 -1.61 -4.46
N PRO B 169 4.33 -0.34 -4.30
CA PRO B 169 3.53 0.55 -3.43
C PRO B 169 2.09 0.70 -3.87
N THR B 170 1.74 0.38 -5.12
CA THR B 170 0.35 0.43 -5.57
C THR B 170 -0.40 -0.87 -5.36
N HIS B 171 0.26 -1.88 -4.78
CA HIS B 171 -0.35 -3.18 -4.50
C HIS B 171 -0.72 -3.92 -5.78
N PHE B 172 -0.07 -3.58 -6.89
CA PHE B 172 -0.43 -4.15 -8.19
C PHE B 172 -0.31 -5.66 -8.23
N LYS B 173 0.73 -6.23 -7.61
CA LYS B 173 0.91 -7.69 -7.68
C LYS B 173 -0.26 -8.42 -7.02
N ALA B 174 -0.56 -8.07 -5.77
CA ALA B 174 -1.70 -8.70 -5.10
C ALA B 174 -3.01 -8.43 -5.82
N ASP B 175 -3.19 -7.21 -6.35
CA ASP B 175 -4.46 -6.87 -7.00
C ASP B 175 -4.65 -7.63 -8.32
N LEU B 176 -3.58 -7.81 -9.08
CA LEU B 176 -3.67 -8.60 -10.31
C LEU B 176 -3.99 -10.06 -9.98
N ILE B 177 -3.34 -10.60 -8.95
CA ILE B 177 -3.64 -11.99 -8.56
C ILE B 177 -5.09 -12.10 -8.12
N SER B 178 -5.58 -11.12 -7.34
N SER B 178 -5.57 -11.13 -7.33
CA SER B 178 -6.96 -11.14 -6.91
CA SER B 178 -6.96 -11.13 -6.91
C SER B 178 -7.92 -11.07 -8.10
C SER B 178 -7.90 -11.09 -8.11
N TYR B 179 -7.55 -10.29 -9.12
CA TYR B 179 -8.39 -10.23 -10.31
C TYR B 179 -8.47 -11.59 -10.99
N LEU B 180 -7.31 -12.25 -11.15
CA LEU B 180 -7.31 -13.56 -11.81
C LEU B 180 -7.95 -14.63 -10.93
N MET B 181 -7.86 -14.49 -9.59
CA MET B 181 -8.47 -15.47 -8.72
C MET B 181 -9.98 -15.53 -8.90
N ALA B 182 -10.61 -14.40 -9.27
CA ALA B 182 -12.04 -14.33 -9.41
C ALA B 182 -12.57 -15.18 -10.55
N TYR B 183 -11.71 -15.58 -11.49
CA TYR B 183 -12.16 -16.45 -12.58
C TYR B 183 -12.42 -17.85 -12.09
N ASN B 184 -11.72 -18.27 -11.03
CA ASN B 184 -11.78 -19.64 -10.54
C ASN B 184 -11.46 -20.64 -11.65
N ALA B 185 -10.39 -20.37 -12.39
CA ALA B 185 -10.08 -21.16 -13.57
C ALA B 185 -8.74 -21.85 -13.41
N PRO B 186 -8.65 -23.15 -13.69
CA PRO B 186 -7.35 -23.84 -13.53
C PRO B 186 -6.25 -23.27 -14.42
N SER B 187 -6.55 -22.85 -15.66
CA SER B 187 -5.48 -22.34 -16.50
C SER B 187 -4.96 -21.00 -15.98
N LEU B 188 -5.79 -20.25 -15.26
CA LEU B 188 -5.33 -18.98 -14.69
C LEU B 188 -4.64 -19.15 -13.35
N LYS B 189 -4.96 -20.20 -12.59
CA LYS B 189 -4.16 -20.49 -11.41
C LYS B 189 -2.70 -20.72 -11.79
N GLU B 190 -2.46 -21.27 -12.98
CA GLU B 190 -1.09 -21.44 -13.46
C GLU B 190 -0.40 -20.10 -13.69
N TRP B 191 -1.14 -19.11 -14.20
CA TRP B 191 -0.53 -17.79 -14.38
C TRP B 191 -0.39 -17.05 -13.05
N ILE B 192 -1.30 -17.27 -12.12
CA ILE B 192 -1.13 -16.71 -10.77
C ILE B 192 0.18 -17.18 -10.16
N ASP B 193 0.50 -18.46 -10.34
CA ASP B 193 1.76 -18.98 -9.79
C ASP B 193 2.97 -18.37 -10.48
N VAL B 194 2.87 -18.09 -11.78
CA VAL B 194 3.93 -17.39 -12.48
C VAL B 194 4.13 -16.00 -11.88
N ILE B 195 3.02 -15.27 -11.68
CA ILE B 195 3.13 -13.91 -11.15
C ILE B 195 3.76 -13.94 -9.75
N HIS B 196 3.37 -14.90 -8.91
CA HIS B 196 3.95 -15.03 -7.58
C HIS B 196 5.47 -15.07 -7.63
N LYS B 197 6.04 -15.69 -8.68
CA LYS B 197 7.48 -15.89 -8.75
C LYS B 197 8.22 -14.67 -9.29
N HIS B 198 7.52 -13.59 -9.62
CA HIS B 198 8.15 -12.44 -10.23
C HIS B 198 8.03 -11.20 -9.33
N ASP B 199 8.98 -10.28 -9.52
CA ASP B 199 9.10 -9.05 -8.75
C ASP B 199 8.41 -7.92 -9.52
N LEU B 200 7.23 -7.53 -9.04
CA LEU B 200 6.44 -6.48 -9.69
C LEU B 200 6.56 -5.13 -8.98
N SER B 201 7.61 -4.95 -8.17
CA SER B 201 7.68 -3.80 -7.27
C SER B 201 7.86 -2.48 -7.99
N GLU B 202 8.36 -2.48 -9.23
CA GLU B 202 8.52 -1.23 -9.95
C GLU B 202 7.20 -0.66 -10.50
N THR B 203 6.08 -1.34 -10.30
CA THR B 203 4.81 -0.91 -10.90
C THR B 203 4.29 0.34 -10.22
N ASN B 204 3.99 1.37 -11.03
N ASN B 204 4.00 1.38 -11.01
CA ASN B 204 3.56 2.65 -10.49
CA ASN B 204 3.53 2.62 -10.42
C ASN B 204 2.10 2.97 -10.80
C ASN B 204 2.11 2.99 -10.85
N VAL B 205 1.34 2.02 -11.34
CA VAL B 205 -0.08 2.21 -11.60
C VAL B 205 -0.90 1.33 -10.66
N TYR B 206 -2.14 1.74 -10.43
CA TYR B 206 -3.12 0.97 -9.68
C TYR B 206 -4.02 0.20 -10.62
N LEU B 207 -4.31 -1.06 -10.26
CA LEU B 207 -5.23 -1.87 -11.07
C LEU B 207 -6.67 -1.56 -10.70
N ILE B 208 -7.53 -1.36 -11.69
CA ILE B 208 -8.96 -1.18 -11.43
C ILE B 208 -9.70 -2.21 -12.27
N GLY B 209 -10.24 -3.24 -11.62
CA GLY B 209 -10.95 -4.26 -12.38
C GLY B 209 -12.42 -4.35 -12.03
N SER B 210 -13.17 -5.01 -12.89
CA SER B 210 -14.54 -5.42 -12.62
C SER B 210 -14.62 -6.91 -12.85
N THR B 211 -15.41 -7.59 -12.03
N THR B 211 -15.37 -7.61 -12.01
CA THR B 211 -15.67 -9.01 -12.19
CA THR B 211 -15.68 -9.01 -12.20
C THR B 211 -17.14 -9.25 -11.84
C THR B 211 -17.15 -9.21 -11.88
N PRO B 212 -17.78 -10.24 -12.46
CA PRO B 212 -19.23 -10.42 -12.24
C PRO B 212 -19.52 -10.85 -10.81
N GLY B 213 -20.56 -10.26 -10.24
CA GLY B 213 -21.02 -10.73 -8.95
C GLY B 213 -21.90 -9.70 -8.27
N ARG B 214 -22.26 -10.03 -7.03
N ARG B 214 -22.27 -10.03 -7.03
CA ARG B 214 -23.02 -9.15 -6.15
CA ARG B 214 -23.01 -9.15 -6.15
C ARG B 214 -22.22 -9.02 -4.86
C ARG B 214 -22.20 -9.02 -4.88
N PHE B 215 -21.58 -7.87 -4.68
CA PHE B 215 -20.60 -7.66 -3.62
C PHE B 215 -21.19 -6.81 -2.51
N GLN B 216 -20.91 -7.20 -1.27
CA GLN B 216 -21.43 -6.48 -0.11
C GLN B 216 -20.33 -6.34 0.93
N GLY B 217 -20.59 -5.48 1.91
CA GLY B 217 -19.59 -5.22 2.92
C GLY B 217 -18.33 -4.64 2.30
N SER B 218 -17.18 -5.06 2.83
CA SER B 218 -15.92 -4.53 2.34
C SER B 218 -15.63 -4.96 0.91
N GLN B 219 -16.19 -6.10 0.48
CA GLN B 219 -15.93 -6.57 -0.88
C GLN B 219 -16.44 -5.60 -1.93
N LYS B 220 -17.38 -4.71 -1.58
CA LYS B 220 -17.81 -3.68 -2.52
C LYS B 220 -16.63 -2.86 -3.02
N ASP B 221 -15.62 -2.65 -2.18
CA ASP B 221 -14.49 -1.79 -2.54
C ASP B 221 -13.52 -2.45 -3.52
N ASN B 222 -13.71 -3.73 -3.83
CA ASN B 222 -12.75 -4.44 -4.66
C ASN B 222 -12.87 -4.12 -6.15
N TRP B 223 -14.03 -3.68 -6.61
CA TRP B 223 -14.34 -3.71 -8.04
C TRP B 223 -15.06 -2.45 -8.50
N GLY B 224 -14.96 -2.18 -9.80
CA GLY B 224 -15.84 -1.19 -10.42
C GLY B 224 -15.66 0.21 -9.85
N HIS B 225 -16.75 0.98 -9.82
CA HIS B 225 -16.61 2.37 -9.45
C HIS B 225 -16.38 2.55 -7.96
N PHE B 226 -16.71 1.53 -7.14
CA PHE B 226 -16.34 1.59 -5.73
C PHE B 226 -14.83 1.41 -5.55
N ARG B 227 -14.20 0.58 -6.38
CA ARG B 227 -12.75 0.46 -6.37
C ARG B 227 -12.09 1.79 -6.71
N LEU B 228 -12.59 2.46 -7.75
CA LEU B 228 -12.05 3.79 -8.08
C LEU B 228 -12.21 4.76 -6.92
N LYS B 229 -13.41 4.80 -6.33
CA LYS B 229 -13.67 5.69 -5.21
C LYS B 229 -12.70 5.42 -4.07
N LYS B 230 -12.49 4.15 -3.73
CA LYS B 230 -11.57 3.82 -2.64
C LYS B 230 -10.16 4.29 -2.93
N LEU B 231 -9.68 4.10 -4.16
CA LEU B 231 -8.32 4.52 -4.48
C LEU B 231 -8.18 6.04 -4.43
N LEU B 232 -9.17 6.76 -4.94
CA LEU B 232 -9.11 8.22 -4.92
C LEU B 232 -9.15 8.76 -3.50
N LYS B 233 -9.97 8.13 -2.65
CA LYS B 233 -10.04 8.55 -1.25
C LYS B 233 -8.71 8.33 -0.54
N ASP B 234 -8.07 7.17 -0.76
CA ASP B 234 -6.86 6.82 -0.02
C ASP B 234 -5.58 7.40 -0.63
N HIS B 235 -5.58 7.77 -1.91
CA HIS B 235 -4.32 8.06 -2.59
C HIS B 235 -4.32 9.35 -3.40
N ALA B 236 -5.39 10.14 -3.37
CA ALA B 236 -5.40 11.48 -3.93
C ALA B 236 -5.73 12.48 -2.84
N SER B 237 -5.39 13.75 -3.06
CA SER B 237 -5.74 14.82 -2.15
C SER B 237 -6.78 15.74 -2.77
N SER B 238 -7.67 16.28 -1.93
CA SER B 238 -8.59 17.30 -2.41
C SER B 238 -7.92 18.65 -2.39
N MET B 239 -8.15 19.44 -3.44
CA MET B 239 -7.55 20.76 -3.59
C MET B 239 -8.61 21.84 -3.39
N PRO B 240 -8.20 23.09 -3.16
CA PRO B 240 -9.19 24.17 -3.07
C PRO B 240 -9.90 24.33 -4.40
N ASN B 241 -11.20 24.64 -4.32
CA ASN B 241 -12.03 24.80 -5.51
C ASN B 241 -12.12 23.49 -6.30
N ALA B 242 -12.08 22.35 -5.60
CA ALA B 242 -12.22 21.05 -6.26
C ALA B 242 -13.52 20.96 -7.04
N GLU B 243 -14.58 21.61 -6.58
CA GLU B 243 -15.88 21.59 -7.26
C GLU B 243 -15.78 22.11 -8.69
N SER B 244 -14.70 22.81 -9.03
CA SER B 244 -14.51 23.37 -10.35
C SER B 244 -13.67 22.49 -11.27
N TRP B 245 -13.11 21.41 -10.74
CA TRP B 245 -12.34 20.47 -11.55
C TRP B 245 -13.33 19.51 -12.22
N PRO B 246 -13.47 19.58 -13.54
CA PRO B 246 -14.44 18.71 -14.22
C PRO B 246 -14.03 17.25 -14.12
N VAL B 247 -15.00 16.38 -14.44
CA VAL B 247 -14.78 14.96 -14.69
C VAL B 247 -15.01 14.74 -16.18
N VAL B 248 -14.11 14.00 -16.83
CA VAL B 248 -14.25 13.68 -18.25
C VAL B 248 -14.33 12.16 -18.38
N GLY B 249 -15.32 11.69 -19.14
CA GLY B 249 -15.40 10.28 -19.49
C GLY B 249 -15.49 10.15 -21.00
N GLN B 250 -14.82 9.13 -21.53
CA GLN B 250 -14.65 8.99 -22.98
C GLN B 250 -14.71 7.50 -23.30
N PHE B 251 -15.58 7.10 -24.23
CA PHE B 251 -15.91 5.68 -24.31
C PHE B 251 -16.40 5.36 -25.72
N SER B 252 -16.58 4.07 -26.00
CA SER B 252 -17.06 3.65 -27.31
C SER B 252 -18.46 3.05 -27.29
N SER B 253 -19.11 2.97 -26.13
CA SER B 253 -20.44 2.40 -26.06
C SER B 253 -21.12 2.91 -24.80
N VAL B 254 -22.45 2.87 -24.81
CA VAL B 254 -23.26 3.37 -23.71
C VAL B 254 -24.33 2.34 -23.39
N GLY B 255 -24.52 2.05 -22.10
CA GLY B 255 -25.60 1.18 -21.67
C GLY B 255 -26.83 1.95 -21.26
N SER B 256 -27.82 1.20 -20.78
CA SER B 256 -29.04 1.82 -20.27
C SER B 256 -28.78 2.40 -18.88
N LEU B 257 -28.87 3.72 -18.75
CA LEU B 257 -28.50 4.40 -17.52
C LEU B 257 -29.70 4.77 -16.65
N GLY B 258 -30.91 4.71 -17.19
CA GLY B 258 -32.12 5.00 -16.44
C GLY B 258 -32.88 6.17 -17.02
N ALA B 259 -33.99 6.50 -16.36
CA ALA B 259 -34.93 7.49 -16.88
C ALA B 259 -34.42 8.93 -16.75
N ASP B 260 -33.49 9.18 -15.82
CA ASP B 260 -32.89 10.51 -15.71
C ASP B 260 -31.53 10.37 -15.03
N GLU B 261 -30.81 11.49 -14.93
CA GLU B 261 -29.43 11.44 -14.45
C GLU B 261 -29.33 11.02 -12.99
N SER B 262 -30.40 11.17 -12.21
CA SER B 262 -30.35 10.89 -10.78
C SER B 262 -30.41 9.40 -10.47
N LYS B 263 -30.75 8.55 -11.44
CA LYS B 263 -30.88 7.13 -11.16
C LYS B 263 -29.53 6.44 -11.04
N TRP B 264 -28.50 6.93 -11.74
CA TRP B 264 -27.20 6.28 -11.65
C TRP B 264 -26.04 7.18 -12.04
N LEU B 265 -26.17 7.88 -13.17
CA LEU B 265 -25.04 8.63 -13.72
C LEU B 265 -24.54 9.69 -12.75
N CYS B 266 -25.43 10.60 -12.35
CA CYS B 266 -25.05 11.70 -11.49
C CYS B 266 -25.24 11.40 -10.01
N SER B 267 -25.83 10.25 -9.67
CA SER B 267 -25.96 9.86 -8.27
C SER B 267 -24.71 9.08 -7.85
N GLU B 268 -24.57 7.84 -8.30
CA GLU B 268 -23.49 7.02 -7.78
C GLU B 268 -22.25 6.97 -8.68
N PHE B 269 -22.40 7.04 -10.01
CA PHE B 269 -21.22 7.00 -10.87
C PHE B 269 -20.38 8.27 -10.74
N LYS B 270 -21.02 9.43 -10.92
CA LYS B 270 -20.29 10.69 -10.82
C LYS B 270 -19.76 10.92 -9.40
N GLU B 271 -20.52 10.49 -8.38
CA GLU B 271 -20.08 10.65 -7.00
C GLU B 271 -18.77 9.91 -6.74
N SER B 272 -18.64 8.70 -7.26
CA SER B 272 -17.37 8.00 -7.13
C SER B 272 -16.27 8.74 -7.86
N MET B 273 -16.55 9.23 -9.07
CA MET B 273 -15.49 9.86 -9.85
C MET B 273 -15.06 11.21 -9.30
N LEU B 274 -15.93 11.90 -8.55
N LEU B 274 -15.92 11.90 -8.55
CA LEU B 274 -15.56 13.19 -7.96
CA LEU B 274 -15.52 13.19 -8.00
C LEU B 274 -14.64 13.05 -6.75
C LEU B 274 -14.82 13.07 -6.65
N THR B 275 -14.59 11.85 -6.17
CA THR B 275 -13.91 11.66 -4.89
C THR B 275 -12.45 12.09 -4.94
N LEU B 276 -12.02 12.80 -3.90
CA LEU B 276 -10.62 13.15 -3.69
C LEU B 276 -10.38 13.24 -2.20
N GLY B 277 -9.45 12.43 -1.69
CA GLY B 277 -9.07 12.53 -0.29
C GLY B 277 -10.12 11.95 0.64
N LYS B 278 -9.86 12.11 1.93
CA LYS B 278 -10.60 11.41 2.97
C LYS B 278 -11.69 12.24 3.64
N GLU B 279 -11.84 13.52 3.28
CA GLU B 279 -12.86 14.33 3.93
C GLU B 279 -14.24 14.02 3.35
N SER B 280 -15.24 14.76 3.82
CA SER B 280 -16.62 14.51 3.43
C SER B 280 -17.08 15.51 2.37
N SER B 286 -24.15 17.94 -6.53
CA SER B 286 -22.83 18.47 -6.88
C SER B 286 -22.87 19.29 -8.17
N SER B 287 -22.03 20.33 -8.22
CA SER B 287 -21.94 21.21 -9.38
C SER B 287 -20.71 20.93 -10.23
N VAL B 288 -20.08 19.78 -10.06
CA VAL B 288 -18.88 19.48 -10.85
C VAL B 288 -19.31 19.23 -12.29
N PRO B 289 -18.72 19.92 -13.26
CA PRO B 289 -19.10 19.67 -14.66
C PRO B 289 -18.67 18.28 -15.10
N LEU B 290 -19.54 17.62 -15.86
CA LEU B 290 -19.29 16.27 -16.36
C LEU B 290 -19.30 16.33 -17.88
N TYR B 291 -18.14 16.06 -18.50
CA TYR B 291 -17.99 16.04 -19.96
C TYR B 291 -17.92 14.60 -20.42
N LEU B 292 -18.81 14.22 -21.33
CA LEU B 292 -18.77 12.87 -21.89
C LEU B 292 -18.41 12.98 -23.35
N ILE B 293 -17.37 12.25 -23.76
CA ILE B 293 -16.86 12.31 -25.13
C ILE B 293 -17.28 11.03 -25.84
N TYR B 294 -18.03 11.18 -26.94
CA TYR B 294 -18.56 10.07 -27.71
C TYR B 294 -18.78 10.52 -29.14
N PRO B 295 -18.34 9.76 -30.15
CA PRO B 295 -18.42 10.24 -31.53
C PRO B 295 -19.85 10.58 -31.97
N SER B 296 -19.99 11.75 -32.59
CA SER B 296 -21.21 12.10 -33.29
C SER B 296 -21.31 11.33 -34.60
N VAL B 297 -22.50 11.37 -35.20
CA VAL B 297 -22.65 10.77 -36.52
C VAL B 297 -21.68 11.40 -37.50
N GLU B 298 -21.50 12.72 -37.44
N GLU B 298 -21.50 12.72 -37.44
CA GLU B 298 -20.59 13.40 -38.35
CA GLU B 298 -20.59 13.40 -38.35
C GLU B 298 -19.15 12.94 -38.13
C GLU B 298 -19.14 12.98 -38.13
N ASN B 299 -18.75 12.78 -36.87
CA ASN B 299 -17.41 12.24 -36.58
C ASN B 299 -17.20 10.92 -37.31
N VAL B 300 -18.20 10.04 -37.23
CA VAL B 300 -18.06 8.73 -37.85
C VAL B 300 -18.08 8.83 -39.37
N ARG B 301 -18.99 9.64 -39.91
CA ARG B 301 -19.15 9.72 -41.36
C ARG B 301 -17.86 10.14 -42.06
N THR B 302 -17.13 11.09 -41.50
CA THR B 302 -15.91 11.57 -42.13
C THR B 302 -14.66 10.92 -41.54
N SER B 303 -14.79 9.79 -40.85
CA SER B 303 -13.62 9.14 -40.30
C SER B 303 -12.82 8.47 -41.41
N LEU B 304 -11.63 7.97 -41.04
CA LEU B 304 -10.81 7.22 -42.01
C LEU B 304 -11.57 6.01 -42.55
N GLU B 305 -12.35 5.36 -41.69
CA GLU B 305 -13.11 4.18 -42.08
C GLU B 305 -14.47 4.51 -42.70
N GLY B 306 -14.99 5.69 -42.43
CA GLY B 306 -16.36 5.99 -42.78
C GLY B 306 -17.34 5.35 -41.82
N TYR B 307 -18.56 5.14 -42.32
CA TYR B 307 -19.62 4.57 -41.48
C TYR B 307 -19.24 3.23 -40.85
N PRO B 308 -18.45 2.36 -41.50
CA PRO B 308 -18.09 1.09 -40.87
C PRO B 308 -17.32 1.24 -39.55
N ALA B 309 -16.70 2.39 -39.29
CA ALA B 309 -16.18 2.64 -37.94
C ALA B 309 -17.27 2.48 -36.88
N GLY B 310 -18.52 2.82 -37.21
CA GLY B 310 -19.63 2.70 -36.30
C GLY B 310 -20.00 1.28 -35.94
N GLY B 311 -19.49 0.29 -36.67
CA GLY B 311 -19.69 -1.09 -36.24
C GLY B 311 -19.00 -1.40 -34.93
N SER B 312 -18.04 -0.55 -34.51
CA SER B 312 -17.35 -0.70 -33.24
C SER B 312 -17.75 0.38 -32.24
N LEU B 313 -18.87 1.05 -32.47
CA LEU B 313 -19.46 2.02 -31.55
C LEU B 313 -20.91 1.60 -31.28
N PRO B 314 -21.11 0.52 -30.49
CA PRO B 314 -22.43 -0.17 -30.48
C PRO B 314 -23.43 0.41 -29.49
N TYR B 315 -23.84 1.65 -29.73
CA TYR B 315 -24.94 2.30 -29.03
C TYR B 315 -26.23 2.06 -29.83
N SER B 316 -27.19 1.38 -29.23
CA SER B 316 -28.39 0.96 -29.95
C SER B 316 -29.51 1.98 -29.79
N ILE B 317 -30.38 2.03 -30.80
CA ILE B 317 -31.51 2.97 -30.76
C ILE B 317 -32.45 2.61 -29.61
N GLN B 318 -32.58 1.31 -29.32
CA GLN B 318 -33.44 0.89 -28.21
C GLN B 318 -33.00 1.52 -26.90
N THR B 319 -31.69 1.53 -26.66
CA THR B 319 -31.15 2.15 -25.45
C THR B 319 -31.25 3.67 -25.52
N ALA B 320 -30.83 4.26 -26.64
CA ALA B 320 -30.70 5.72 -26.73
C ALA B 320 -32.04 6.41 -26.56
N GLU B 321 -33.11 5.86 -27.16
CA GLU B 321 -34.40 6.55 -27.14
C GLU B 321 -35.00 6.63 -25.74
N LYS B 322 -34.55 5.77 -24.83
CA LYS B 322 -35.01 5.80 -23.45
C LYS B 322 -34.25 6.80 -22.58
N GLN B 323 -33.26 7.50 -23.13
CA GLN B 323 -32.41 8.36 -22.29
C GLN B 323 -31.88 9.53 -23.10
N ASN B 324 -32.77 10.23 -23.82
CA ASN B 324 -32.30 11.39 -24.57
C ASN B 324 -31.74 12.48 -23.67
N TRP B 325 -32.10 12.49 -22.37
CA TRP B 325 -31.49 13.44 -21.45
C TRP B 325 -29.96 13.33 -21.46
N LEU B 326 -29.44 12.13 -21.71
CA LEU B 326 -27.98 11.93 -21.62
C LEU B 326 -27.22 12.75 -22.66
N HIS B 327 -27.82 13.01 -23.81
CA HIS B 327 -27.04 13.48 -24.94
C HIS B 327 -26.65 14.94 -24.82
N SER B 328 -27.28 15.70 -23.91
N SER B 328 -27.27 15.70 -23.91
CA SER B 328 -26.83 17.05 -23.62
CA SER B 328 -26.82 17.06 -23.61
C SER B 328 -25.47 17.08 -22.93
C SER B 328 -25.45 17.08 -22.96
N TYR B 329 -24.99 15.93 -22.45
CA TYR B 329 -23.65 15.83 -21.90
C TYR B 329 -22.59 15.51 -22.95
N PHE B 330 -22.98 15.26 -24.20
CA PHE B 330 -22.06 14.66 -25.16
C PHE B 330 -21.23 15.70 -25.88
N HIS B 331 -19.94 15.38 -26.03
CA HIS B 331 -18.96 16.20 -26.72
C HIS B 331 -18.32 15.39 -27.85
N LYS B 332 -17.94 16.09 -28.92
CA LYS B 332 -17.36 15.45 -30.10
C LYS B 332 -16.02 14.78 -29.83
N TRP B 333 -15.69 13.80 -30.64
CA TRP B 333 -14.32 13.28 -30.69
C TRP B 333 -13.45 14.25 -31.47
N SER B 334 -12.36 14.69 -30.85
CA SER B 334 -11.37 15.52 -31.53
C SER B 334 -10.01 15.17 -30.95
N ALA B 335 -9.01 14.97 -31.80
CA ALA B 335 -7.70 14.51 -31.36
C ALA B 335 -6.60 15.08 -32.24
N GLU B 336 -6.69 16.37 -32.55
CA GLU B 336 -5.61 17.04 -33.27
C GLU B 336 -4.26 16.82 -32.59
N THR B 337 -4.25 16.79 -31.26
CA THR B 337 -3.00 16.62 -30.52
C THR B 337 -2.25 15.37 -30.93
N SER B 338 -2.96 14.30 -31.32
CA SER B 338 -2.28 13.09 -31.74
C SER B 338 -2.57 12.73 -33.20
N GLY B 339 -3.05 13.69 -33.99
CA GLY B 339 -3.36 13.44 -35.38
C GLY B 339 -4.47 12.44 -35.62
N ARG B 340 -5.39 12.27 -34.66
CA ARG B 340 -6.30 11.13 -34.68
C ARG B 340 -7.77 11.54 -34.68
N SER B 341 -8.07 12.77 -35.12
CA SER B 341 -9.46 13.20 -35.16
C SER B 341 -10.31 12.32 -36.08
N ASN B 342 -9.68 11.70 -37.09
CA ASN B 342 -10.43 10.82 -38.00
C ASN B 342 -10.25 9.35 -37.67
N ALA B 343 -9.55 9.01 -36.59
CA ALA B 343 -9.37 7.61 -36.17
C ALA B 343 -10.32 7.38 -35.01
N MET B 344 -11.45 6.72 -35.26
CA MET B 344 -12.52 6.68 -34.26
C MET B 344 -12.04 5.96 -32.99
N PRO B 345 -12.46 6.40 -31.81
CA PRO B 345 -11.91 5.84 -30.57
C PRO B 345 -12.54 4.48 -30.24
N HIS B 346 -11.68 3.51 -29.93
CA HIS B 346 -12.11 2.34 -29.18
C HIS B 346 -11.46 2.30 -27.81
N ILE B 347 -10.49 3.20 -27.56
CA ILE B 347 -9.99 3.43 -26.21
C ILE B 347 -11.13 3.91 -25.31
N LYS B 348 -11.00 3.65 -24.00
CA LYS B 348 -11.88 4.25 -23.01
C LYS B 348 -10.99 4.92 -21.96
N THR B 349 -11.31 6.18 -21.64
CA THR B 349 -10.50 6.91 -20.66
C THR B 349 -11.40 7.75 -19.77
N TYR B 350 -10.93 8.01 -18.55
CA TYR B 350 -11.63 8.84 -17.59
C TYR B 350 -10.56 9.65 -16.87
N MET B 351 -10.86 10.92 -16.60
CA MET B 351 -9.82 11.74 -15.98
C MET B 351 -10.45 12.95 -15.31
N ARG B 352 -9.62 13.67 -14.56
CA ARG B 352 -10.08 14.76 -13.70
C ARG B 352 -9.20 15.98 -13.97
N PRO B 353 -9.51 16.75 -15.00
CA PRO B 353 -8.71 17.94 -15.31
C PRO B 353 -9.01 19.11 -14.40
N SER B 354 -8.10 20.06 -14.43
CA SER B 354 -8.28 21.33 -13.71
C SER B 354 -9.25 22.20 -14.47
N PRO B 355 -9.74 23.29 -13.87
CA PRO B 355 -10.75 24.11 -14.57
C PRO B 355 -10.28 24.65 -15.91
N ASP B 356 -8.99 24.84 -16.11
CA ASP B 356 -8.47 25.33 -17.39
C ASP B 356 -7.83 24.22 -18.21
N PHE B 357 -8.00 22.97 -17.79
CA PHE B 357 -7.54 21.77 -18.51
C PHE B 357 -6.03 21.73 -18.70
N SER B 358 -5.25 22.48 -17.91
CA SER B 358 -3.81 22.44 -18.05
C SER B 358 -3.17 21.37 -17.17
N LYS B 359 -3.92 20.82 -16.22
CA LYS B 359 -3.43 19.81 -15.29
C LYS B 359 -4.50 18.74 -15.14
N ILE B 360 -4.10 17.56 -14.64
CA ILE B 360 -5.07 16.52 -14.29
C ILE B 360 -4.73 15.93 -12.93
N ALA B 361 -5.76 15.62 -12.15
CA ALA B 361 -5.59 14.99 -10.84
C ALA B 361 -5.40 13.49 -10.93
N TRP B 362 -5.82 12.87 -12.05
CA TRP B 362 -5.61 11.44 -12.28
C TRP B 362 -6.08 11.11 -13.68
N PHE B 363 -5.68 9.92 -14.15
CA PHE B 363 -6.01 9.46 -15.49
C PHE B 363 -6.19 7.94 -15.45
N LEU B 364 -7.24 7.46 -16.09
CA LEU B 364 -7.56 6.04 -16.13
C LEU B 364 -7.76 5.62 -17.58
N VAL B 365 -7.07 4.55 -18.01
N VAL B 365 -7.04 4.58 -18.00
CA VAL B 365 -7.36 3.91 -19.28
CA VAL B 365 -7.32 3.86 -19.25
C VAL B 365 -7.87 2.51 -18.96
C VAL B 365 -7.96 2.55 -18.86
N THR B 366 -8.96 2.12 -19.63
CA THR B 366 -9.69 0.92 -19.22
C THR B 366 -10.45 0.35 -20.40
N SER B 367 -11.02 -0.84 -20.19
CA SER B 367 -11.99 -1.40 -21.11
C SER B 367 -13.42 -0.96 -20.81
N ALA B 368 -13.66 -0.32 -19.66
CA ALA B 368 -15.02 -0.06 -19.19
C ALA B 368 -15.69 1.09 -19.93
N ASN B 369 -16.80 0.78 -20.62
CA ASN B 369 -17.64 1.78 -21.25
C ASN B 369 -18.56 2.43 -20.22
N LEU B 370 -19.43 3.33 -20.69
CA LEU B 370 -20.36 4.05 -19.79
C LEU B 370 -21.59 3.18 -19.59
N SER B 371 -21.49 2.27 -18.63
CA SER B 371 -22.55 1.29 -18.44
C SER B 371 -22.51 0.77 -17.02
N LYS B 372 -23.71 0.48 -16.48
CA LYS B 372 -23.79 -0.14 -15.16
C LYS B 372 -23.22 -1.55 -15.16
N ALA B 373 -23.32 -2.25 -16.30
CA ALA B 373 -22.75 -3.59 -16.39
C ALA B 373 -21.25 -3.58 -16.12
N ALA B 374 -20.56 -2.53 -16.58
CA ALA B 374 -19.11 -2.46 -16.47
C ALA B 374 -18.65 -1.92 -15.12
N TRP B 375 -19.31 -0.86 -14.65
CA TRP B 375 -18.89 -0.12 -13.47
C TRP B 375 -19.60 -0.56 -12.20
N GLY B 376 -20.75 -1.22 -12.34
CA GLY B 376 -21.52 -1.70 -11.21
C GLY B 376 -22.66 -0.77 -10.85
N ALA B 377 -23.74 -1.35 -10.32
CA ALA B 377 -24.89 -0.61 -9.85
C ALA B 377 -25.32 -1.13 -8.48
N LEU B 378 -25.62 -0.20 -7.57
CA LEU B 378 -26.03 -0.56 -6.23
C LEU B 378 -27.42 -1.18 -6.23
N GLU B 379 -27.60 -2.20 -5.40
CA GLU B 379 -28.89 -2.85 -5.19
C GLU B 379 -29.13 -3.00 -3.69
N LYS B 380 -30.38 -3.32 -3.35
CA LYS B 380 -30.77 -3.69 -1.99
C LYS B 380 -30.43 -2.57 -1.00
N ASN B 381 -30.97 -1.39 -1.27
CA ASN B 381 -30.76 -0.20 -0.46
C ASN B 381 -29.29 0.07 -0.19
N GLY B 382 -28.51 0.07 -1.28
CA GLY B 382 -27.11 0.43 -1.17
C GLY B 382 -26.21 -0.58 -0.53
N THR B 383 -26.71 -1.78 -0.25
CA THR B 383 -25.93 -2.80 0.44
C THR B 383 -25.15 -3.71 -0.50
N GLN B 384 -25.57 -3.81 -1.76
CA GLN B 384 -24.96 -4.73 -2.72
C GLN B 384 -24.58 -3.96 -3.98
N LEU B 385 -23.37 -4.23 -4.49
CA LEU B 385 -22.92 -3.69 -5.76
C LEU B 385 -22.91 -4.82 -6.77
N MET B 386 -23.77 -4.72 -7.79
CA MET B 386 -23.91 -5.76 -8.80
C MET B 386 -23.14 -5.36 -10.05
N ILE B 387 -22.24 -6.24 -10.50
CA ILE B 387 -21.47 -6.07 -11.71
C ILE B 387 -21.73 -7.27 -12.61
N ARG B 388 -21.89 -7.02 -13.92
CA ARG B 388 -22.20 -8.11 -14.85
C ARG B 388 -20.99 -8.63 -15.62
N SER B 389 -19.95 -7.82 -15.80
CA SER B 389 -18.92 -8.07 -16.79
C SER B 389 -17.53 -8.08 -16.18
N TYR B 390 -16.56 -8.61 -16.94
CA TYR B 390 -15.14 -8.46 -16.65
C TYR B 390 -14.63 -7.21 -17.34
N GLU B 391 -13.93 -6.35 -16.59
CA GLU B 391 -13.31 -5.16 -17.14
C GLU B 391 -11.94 -4.97 -16.49
N LEU B 392 -11.04 -4.23 -17.16
CA LEU B 392 -9.75 -4.00 -16.52
C LEU B 392 -9.13 -2.72 -17.06
N GLY B 393 -8.57 -1.93 -16.15
CA GLY B 393 -7.83 -0.74 -16.55
C GLY B 393 -6.76 -0.40 -15.54
N VAL B 394 -6.00 0.66 -15.83
CA VAL B 394 -4.94 1.09 -14.92
C VAL B 394 -5.09 2.56 -14.65
N LEU B 395 -4.85 2.94 -13.39
CA LEU B 395 -5.05 4.29 -12.91
C LEU B 395 -3.70 4.92 -12.63
N PHE B 396 -3.50 6.12 -13.18
CA PHE B 396 -2.32 6.94 -12.96
C PHE B 396 -2.67 8.01 -11.93
N LEU B 397 -2.03 7.94 -10.76
CA LEU B 397 -2.23 8.92 -9.70
C LEU B 397 -0.95 9.68 -9.45
N PRO B 398 -1.00 11.01 -9.34
CA PRO B 398 0.25 11.79 -9.16
C PRO B 398 1.08 11.35 -7.97
N SER B 399 0.44 10.96 -6.86
CA SER B 399 1.18 10.54 -5.68
C SER B 399 2.08 9.33 -5.96
N ALA B 400 1.65 8.42 -6.84
CA ALA B 400 2.47 7.27 -7.19
C ALA B 400 3.73 7.65 -7.95
N PHE B 401 3.81 8.89 -8.44
CA PHE B 401 4.97 9.41 -9.16
C PHE B 401 5.67 10.52 -8.40
N GLY B 402 5.31 10.74 -7.14
CA GLY B 402 5.92 11.81 -6.37
C GLY B 402 5.43 13.20 -6.74
N LEU B 403 4.24 13.33 -7.31
CA LEU B 403 3.72 14.59 -7.78
C LEU B 403 2.39 14.91 -7.10
N ASP B 404 2.00 16.18 -7.19
CA ASP B 404 0.69 16.61 -6.73
C ASP B 404 -0.35 16.61 -7.84
N SER B 405 0.09 16.79 -9.08
CA SER B 405 -0.78 16.66 -10.25
C SER B 405 0.10 16.41 -11.47
N PHE B 406 -0.54 16.05 -12.58
CA PHE B 406 0.16 15.90 -13.86
C PHE B 406 -0.08 17.13 -14.72
N LYS B 407 0.96 17.61 -15.39
CA LYS B 407 0.78 18.58 -16.45
C LYS B 407 0.28 17.85 -17.69
N VAL B 408 -0.61 18.49 -18.44
CA VAL B 408 -1.12 17.89 -19.66
C VAL B 408 -0.15 18.17 -20.80
N LYS B 409 0.30 17.11 -21.47
CA LYS B 409 1.21 17.25 -22.60
C LYS B 409 0.51 17.98 -23.74
N GLN B 410 1.14 19.06 -24.23
CA GLN B 410 0.45 19.94 -25.16
C GLN B 410 0.31 19.30 -26.55
N LYS B 411 1.37 18.65 -27.03
CA LYS B 411 1.29 17.83 -28.24
C LYS B 411 1.68 16.40 -27.86
N PHE B 412 0.82 15.44 -28.22
CA PHE B 412 0.99 14.06 -27.76
C PHE B 412 2.35 13.48 -28.12
N PHE B 413 2.85 13.78 -29.32
CA PHE B 413 4.10 13.23 -29.81
C PHE B 413 5.26 14.22 -29.74
N ALA B 414 5.07 15.36 -29.06
CA ALA B 414 6.16 16.31 -28.88
C ALA B 414 7.07 15.88 -27.74
N GLY B 415 8.04 16.72 -27.41
CA GLY B 415 9.00 16.42 -26.36
C GLY B 415 8.75 17.19 -25.07
N PRO B 419 9.55 18.73 -19.27
CA PRO B 419 10.06 17.36 -19.19
C PRO B 419 9.00 16.37 -18.72
N MET B 420 9.29 15.08 -18.84
CA MET B 420 8.28 14.03 -18.65
C MET B 420 7.74 13.94 -17.22
N ALA B 421 7.27 15.06 -16.67
CA ALA B 421 6.26 15.07 -15.62
C ALA B 421 4.88 15.36 -16.20
N THR B 422 4.73 15.24 -17.51
CA THR B 422 3.54 15.67 -18.22
C THR B 422 2.87 14.46 -18.86
N PHE B 423 1.60 14.36 -18.67
CA PHE B 423 0.91 13.14 -19.06
C PHE B 423 0.38 13.27 -20.48
N PRO B 424 0.59 12.28 -21.33
CA PRO B 424 0.15 12.36 -22.73
C PRO B 424 -1.32 12.02 -22.93
N VAL B 425 -2.18 13.00 -22.69
CA VAL B 425 -3.61 12.86 -22.97
C VAL B 425 -3.80 12.77 -24.49
N PRO B 426 -4.47 11.74 -25.01
CA PRO B 426 -4.47 11.52 -26.47
C PRO B 426 -5.53 12.28 -27.27
N TYR B 427 -6.42 13.04 -26.65
CA TYR B 427 -7.41 13.82 -27.38
C TYR B 427 -7.40 15.25 -26.88
N ASP B 428 -8.16 16.09 -27.57
CA ASP B 428 -8.05 17.53 -27.39
C ASP B 428 -8.83 18.00 -26.17
N LEU B 429 -8.28 18.99 -25.47
CA LEU B 429 -8.94 19.66 -24.36
C LEU B 429 -9.01 21.16 -24.64
N PRO B 430 -10.09 21.83 -24.23
CA PRO B 430 -11.29 21.26 -23.63
C PRO B 430 -12.10 20.50 -24.66
N PRO B 431 -12.94 19.57 -24.22
CA PRO B 431 -13.84 18.90 -25.16
C PRO B 431 -14.86 19.88 -25.72
N GLU B 432 -15.25 19.63 -26.97
CA GLU B 432 -16.18 20.51 -27.69
C GLU B 432 -17.58 19.91 -27.68
N LEU B 433 -18.56 20.69 -27.22
CA LEU B 433 -19.92 20.21 -27.15
C LEU B 433 -20.48 19.94 -28.55
N TYR B 434 -21.34 18.92 -28.65
CA TYR B 434 -22.11 18.69 -29.86
C TYR B 434 -22.79 19.98 -30.32
N GLY B 435 -22.78 20.22 -31.62
CA GLY B 435 -23.61 21.28 -32.18
C GLY B 435 -25.08 20.91 -32.15
N SER B 436 -25.94 21.91 -32.40
CA SER B 436 -27.37 21.69 -32.28
C SER B 436 -27.89 20.65 -33.28
N LYS B 437 -27.20 20.47 -34.41
CA LYS B 437 -27.61 19.46 -35.39
C LYS B 437 -26.91 18.12 -35.20
N ASP B 438 -25.91 18.03 -34.33
CA ASP B 438 -25.21 16.76 -34.13
C ASP B 438 -26.08 15.79 -33.34
N ARG B 439 -25.88 14.49 -33.59
CA ARG B 439 -26.54 13.42 -32.88
C ARG B 439 -25.50 12.36 -32.52
N PRO B 440 -25.70 11.62 -31.44
CA PRO B 440 -24.74 10.57 -31.09
C PRO B 440 -24.79 9.47 -32.14
N TRP B 441 -23.64 8.87 -32.41
CA TRP B 441 -23.62 7.73 -33.31
C TRP B 441 -24.45 6.60 -32.71
N ILE B 442 -25.46 6.16 -33.45
CA ILE B 442 -26.32 5.04 -33.04
C ILE B 442 -26.20 4.01 -34.15
N TRP B 443 -25.76 2.80 -33.78
CA TRP B 443 -25.19 1.93 -34.80
C TRP B 443 -26.23 1.15 -35.59
N ASN B 444 -27.47 1.02 -35.10
CA ASN B 444 -28.44 0.15 -35.73
C ASN B 444 -29.61 0.92 -36.34
N ILE B 445 -29.39 2.16 -36.77
CA ILE B 445 -30.31 2.89 -37.62
C ILE B 445 -29.58 3.26 -38.90
N PRO B 446 -30.30 3.50 -39.99
CA PRO B 446 -29.63 3.81 -41.26
C PRO B 446 -29.24 5.28 -41.36
N TYR B 447 -28.14 5.51 -42.08
CA TYR B 447 -27.69 6.85 -42.45
C TYR B 447 -27.57 6.87 -43.97
N VAL B 448 -28.58 7.44 -44.64
CA VAL B 448 -28.71 7.35 -46.08
C VAL B 448 -28.77 8.71 -46.76
N LYS B 449 -28.62 9.81 -46.01
CA LYS B 449 -28.73 11.14 -46.61
C LYS B 449 -27.39 11.72 -47.02
N ALA B 450 -26.29 11.33 -46.39
CA ALA B 450 -24.98 11.85 -46.74
C ALA B 450 -23.98 10.71 -46.85
N PRO B 451 -23.28 10.60 -47.98
CA PRO B 451 -22.28 9.53 -48.11
C PRO B 451 -21.09 9.80 -47.22
N ASP B 452 -20.38 8.72 -46.87
CA ASP B 452 -19.24 8.82 -45.97
C ASP B 452 -17.94 9.02 -46.75
N THR B 453 -16.82 8.88 -46.05
CA THR B 453 -15.48 9.01 -46.62
C THR B 453 -15.28 8.19 -47.89
N HIS B 454 -15.90 7.02 -47.96
CA HIS B 454 -15.71 6.12 -49.09
C HIS B 454 -16.88 6.15 -50.04
N GLY B 455 -17.74 7.16 -49.95
CA GLY B 455 -18.87 7.28 -50.85
C GLY B 455 -20.03 6.36 -50.58
N ASN B 456 -20.12 5.80 -49.37
CA ASN B 456 -21.10 4.77 -49.02
C ASN B 456 -22.13 5.28 -48.04
N MET B 457 -23.28 4.60 -48.02
CA MET B 457 -24.30 4.82 -47.00
C MET B 457 -24.22 3.70 -45.97
N TRP B 458 -24.96 3.87 -44.86
CA TRP B 458 -24.97 2.91 -43.77
C TRP B 458 -26.38 2.34 -43.63
N VAL B 459 -26.51 1.04 -43.83
CA VAL B 459 -27.80 0.35 -43.71
C VAL B 459 -27.59 -0.95 -42.94
N PRO B 460 -27.81 -0.96 -41.62
CA PRO B 460 -27.54 -2.14 -40.78
C PRO B 460 -28.48 -3.32 -41.08
C10 GJS C . 9.36 4.12 30.36
C02 GJS C . 11.05 5.12 28.77
C04 GJS C . 10.01 5.24 29.88
C05 GJS C . 9.75 6.49 30.42
C06 GJS C . 8.81 6.63 31.43
C07 GJS C . 8.14 5.51 31.91
C09 GJS C . 8.41 4.25 31.38
C11 GJS C . 9.64 2.72 29.78
O01 GJS C . 12.08 4.43 28.93
O03 GJS C . 10.87 5.73 27.69
O08 GJS C . 7.18 5.63 32.93
O12 GJS C . 9.69 2.58 28.54
O13 GJS C . 9.81 1.71 30.52
C1 EDO D . 2.67 0.63 18.93
O1 EDO D . 3.88 1.03 18.28
C2 EDO D . 2.01 1.86 19.57
O2 EDO D . 1.64 2.80 18.55
C1 EDO E . 8.71 12.60 -3.73
O1 EDO E . 9.59 11.46 -3.79
C2 EDO E . 7.60 12.30 -2.73
O2 EDO E . 8.19 12.11 -1.45
C10 GJS F . -17.50 -3.24 -26.88
C02 GJS F . -15.43 -4.71 -26.94
C04 GJS F . -16.94 -4.51 -26.94
C05 GJS F . -17.75 -5.63 -26.97
C06 GJS F . -19.12 -5.48 -26.96
C07 GJS F . -19.69 -4.22 -26.92
C09 GJS F . -18.88 -3.09 -26.88
C11 GJS F . -16.61 -2.01 -26.85
O01 GJS F . -14.91 -5.45 -26.08
O03 GJS F . -14.72 -4.16 -27.81
O08 GJS F . -21.08 -4.08 -26.90
O12 GJS F . -16.88 -1.01 -27.58
O13 GJS F . -15.63 -1.99 -26.07
C1 EDO G . -12.68 0.36 -14.65
O1 EDO G . -11.48 -0.29 -15.09
C2 EDO G . -13.81 -0.66 -14.47
O2 EDO G . -13.44 -1.61 -13.46
#